data_1Z5G
#
_entry.id   1Z5G
#
_cell.length_a   70.840
_cell.length_b   84.590
_cell.length_c   149.420
_cell.angle_alpha   90.00
_cell.angle_beta   90.00
_cell.angle_gamma   90.00
#
_symmetry.space_group_name_H-M   'P 21 21 21'
#
loop_
_entity.id
_entity.type
_entity.pdbx_description
1 polymer 'AphA protein'
2 non-polymer 'MAGNESIUM ION'
3 non-polymer 'PHOSPHATE ION'
4 water water
#
_entity_poly.entity_id   1
_entity_poly.type   'polypeptide(L)'
_entity_poly.pdbx_seq_one_letter_code
;LVSSPSTLNPGTNVAKLAEQAPVHWVSVAQIENSLTGRPPMAVGFDIDDTVLFSSPGFWRGKKTYSPDSDDYLKNPAFWE
KMNNGWDEFSIPKEAARQLIDMHVRRGDSIYFVTGRSQTKTETVSKTLADNFHIPAANMNPVIFAGDKPEQNTKVQWLQE
KNMRIFYGDSDNDITAARDCGIRGIRILRAANSTYKPLPQAGAFGEEVIVNSEY
;
_entity_poly.pdbx_strand_id   A,B,C,D
#
loop_
_chem_comp.id
_chem_comp.type
_chem_comp.name
_chem_comp.formula
MG non-polymer 'MAGNESIUM ION' 'Mg 2'
PO4 non-polymer 'PHOSPHATE ION' 'O4 P -3'
#
# COMPACT_ATOMS: atom_id res chain seq x y z
N THR A 7 -9.41 -1.98 -19.05
CA THR A 7 -9.20 -3.41 -19.44
C THR A 7 -9.59 -4.36 -18.30
N LEU A 8 -9.88 -5.61 -18.66
CA LEU A 8 -10.30 -6.63 -17.69
C LEU A 8 -9.25 -7.07 -16.67
N ASN A 9 -8.01 -7.22 -17.13
CA ASN A 9 -6.90 -7.63 -16.29
C ASN A 9 -5.81 -6.57 -16.44
N PRO A 10 -5.91 -5.47 -15.70
CA PRO A 10 -4.90 -4.41 -15.82
C PRO A 10 -3.50 -4.77 -15.29
N GLY A 11 -3.47 -5.66 -14.28
CA GLY A 11 -2.21 -6.06 -13.68
C GLY A 11 -1.61 -4.93 -12.86
N THR A 12 -0.37 -5.12 -12.44
CA THR A 12 0.33 -4.10 -11.67
C THR A 12 1.83 -4.42 -11.72
N ASN A 13 2.64 -3.61 -11.06
CA ASN A 13 4.08 -3.84 -11.03
C ASN A 13 4.59 -3.32 -9.69
N VAL A 14 5.79 -3.73 -9.30
CA VAL A 14 6.31 -3.37 -7.99
C VAL A 14 6.60 -1.89 -7.77
N ALA A 15 6.87 -1.13 -8.82
CA ALA A 15 7.12 0.29 -8.63
C ALA A 15 5.80 0.93 -8.16
N LYS A 16 4.69 0.50 -8.76
CA LYS A 16 3.37 1.00 -8.40
C LYS A 16 2.97 0.52 -7.00
N LEU A 17 3.28 -0.73 -6.67
CA LEU A 17 2.93 -1.28 -5.36
C LEU A 17 3.61 -0.57 -4.19
N ALA A 18 4.81 -0.04 -4.41
CA ALA A 18 5.54 0.64 -3.34
C ALA A 18 5.48 2.16 -3.43
N GLU A 19 4.83 2.68 -4.47
CA GLU A 19 4.74 4.12 -4.67
C GLU A 19 4.06 4.82 -3.49
N GLN A 20 4.69 5.89 -3.01
CA GLN A 20 4.17 6.67 -1.90
C GLN A 20 3.94 8.12 -2.30
N ALA A 21 2.86 8.71 -1.80
CA ALA A 21 2.60 10.11 -2.07
C ALA A 21 3.47 10.88 -1.07
N PRO A 22 3.99 12.04 -1.46
CA PRO A 22 4.84 12.85 -0.57
C PRO A 22 3.99 13.61 0.45
N VAL A 23 3.64 12.90 1.51
CA VAL A 23 2.81 13.40 2.58
C VAL A 23 3.51 13.28 3.92
N HIS A 24 3.32 14.26 4.79
CA HIS A 24 3.93 14.26 6.11
C HIS A 24 3.00 13.53 7.10
N TRP A 25 3.23 12.23 7.29
CA TRP A 25 2.42 11.45 8.23
C TRP A 25 2.95 11.54 9.66
N VAL A 26 2.04 11.56 10.63
CA VAL A 26 2.41 11.59 12.04
C VAL A 26 1.46 10.69 12.82
N SER A 27 1.88 10.29 14.01
CA SER A 27 1.05 9.44 14.87
C SER A 27 0.65 10.28 16.09
N VAL A 28 -0.31 9.78 16.87
CA VAL A 28 -0.73 10.49 18.06
C VAL A 28 0.45 10.58 19.05
N ALA A 29 1.23 9.50 19.13
CA ALA A 29 2.39 9.47 20.03
C ALA A 29 3.41 10.57 19.67
N GLN A 30 3.65 10.77 18.38
CA GLN A 30 4.58 11.80 17.93
C GLN A 30 4.03 13.19 18.22
N ILE A 31 2.72 13.37 18.10
CA ILE A 31 2.12 14.68 18.40
C ILE A 31 2.29 14.93 19.89
N GLU A 32 2.00 13.92 20.71
CA GLU A 32 2.17 14.06 22.14
C GLU A 32 3.63 14.40 22.47
N ASN A 33 4.56 13.70 21.84
CA ASN A 33 5.98 13.96 22.09
C ASN A 33 6.36 15.39 21.76
N SER A 34 5.84 15.92 20.66
CA SER A 34 6.15 17.28 20.24
C SER A 34 5.63 18.33 21.23
N LEU A 35 4.73 17.93 22.12
CA LEU A 35 4.15 18.86 23.09
C LEU A 35 4.79 18.74 24.47
N THR A 36 5.77 17.84 24.60
CA THR A 36 6.46 17.61 25.86
C THR A 36 6.95 18.90 26.50
N GLY A 37 6.59 19.11 27.76
CA GLY A 37 7.02 20.30 28.46
C GLY A 37 6.10 21.51 28.36
N ARG A 38 5.19 21.51 27.38
CA ARG A 38 4.30 22.66 27.23
C ARG A 38 3.14 22.62 28.22
N PRO A 39 2.87 23.76 28.87
CA PRO A 39 1.79 23.85 29.85
C PRO A 39 0.43 23.70 29.13
N PRO A 40 -0.65 23.43 29.90
CA PRO A 40 -1.98 23.27 29.29
C PRO A 40 -2.31 24.39 28.31
N MET A 41 -3.05 24.06 27.27
CA MET A 41 -3.42 25.02 26.25
C MET A 41 -4.79 24.66 25.71
N ALA A 42 -5.30 25.50 24.81
CA ALA A 42 -6.60 25.23 24.19
C ALA A 42 -6.34 24.60 22.83
N VAL A 43 -7.16 23.62 22.47
CA VAL A 43 -7.04 22.94 21.19
C VAL A 43 -8.46 22.74 20.67
N GLY A 44 -8.63 22.76 19.35
CA GLY A 44 -9.97 22.59 18.81
C GLY A 44 -10.09 21.45 17.82
N PHE A 45 -11.31 20.92 17.71
CA PHE A 45 -11.62 19.83 16.79
C PHE A 45 -12.84 20.16 15.94
N ASP A 46 -12.75 19.81 14.66
CA ASP A 46 -13.88 19.95 13.77
C ASP A 46 -14.71 18.77 14.25
N ILE A 47 -16.00 18.70 13.92
CA ILE A 47 -16.76 17.56 14.38
C ILE A 47 -16.98 16.46 13.36
N ASP A 48 -17.69 16.78 12.27
CA ASP A 48 -18.03 15.77 11.28
C ASP A 48 -16.83 15.22 10.47
N ASP A 49 -16.69 13.89 10.56
CA ASP A 49 -15.62 13.11 9.95
C ASP A 49 -14.25 13.36 10.60
N THR A 50 -14.25 14.08 11.71
CA THR A 50 -13.03 14.34 12.46
C THR A 50 -13.12 13.55 13.78
N VAL A 51 -14.17 13.79 14.57
CA VAL A 51 -14.35 13.03 15.80
C VAL A 51 -15.57 12.10 15.72
N LEU A 52 -16.50 12.42 14.82
CA LEU A 52 -17.70 11.60 14.64
C LEU A 52 -17.98 11.22 13.19
N PHE A 53 -18.32 9.94 12.97
CA PHE A 53 -18.70 9.51 11.63
C PHE A 53 -20.21 9.78 11.67
N SER A 54 -20.60 10.99 11.29
CA SER A 54 -21.99 11.40 11.34
C SER A 54 -22.80 11.22 10.06
N SER A 55 -22.21 10.60 9.04
CA SER A 55 -22.91 10.39 7.78
C SER A 55 -24.29 9.71 7.92
N PRO A 56 -24.50 8.85 8.92
CA PRO A 56 -25.82 8.20 9.03
C PRO A 56 -26.96 9.24 9.08
N GLY A 57 -26.78 10.28 9.89
CA GLY A 57 -27.77 11.34 10.00
C GLY A 57 -27.84 12.18 8.73
N PHE A 58 -26.69 12.51 8.13
CA PHE A 58 -26.69 13.29 6.90
C PHE A 58 -27.32 12.50 5.77
N TRP A 59 -27.12 11.18 5.79
CA TRP A 59 -27.69 10.31 4.76
C TRP A 59 -29.22 10.30 4.87
N ARG A 60 -29.73 10.10 6.07
CA ARG A 60 -31.17 10.08 6.25
C ARG A 60 -31.79 11.43 5.91
N GLY A 61 -31.10 12.51 6.27
CA GLY A 61 -31.60 13.84 5.96
C GLY A 61 -31.70 14.07 4.46
N LYS A 62 -30.69 13.62 3.73
CA LYS A 62 -30.66 13.78 2.28
C LYS A 62 -31.82 13.01 1.64
N LYS A 63 -31.98 11.75 2.03
CA LYS A 63 -33.04 10.89 1.53
C LYS A 63 -34.42 11.48 1.82
N THR A 64 -34.53 12.15 2.97
CA THR A 64 -35.78 12.74 3.39
C THR A 64 -36.13 14.09 2.76
N TYR A 65 -35.17 15.01 2.71
CA TYR A 65 -35.44 16.34 2.20
C TYR A 65 -35.02 16.67 0.77
N SER A 66 -34.00 15.98 0.25
CA SER A 66 -33.54 16.25 -1.11
C SER A 66 -32.75 15.05 -1.64
N PRO A 67 -33.43 13.93 -1.92
CA PRO A 67 -32.76 12.73 -2.43
C PRO A 67 -31.82 12.90 -3.63
N ASP A 68 -32.03 13.93 -4.45
CA ASP A 68 -31.16 14.12 -5.61
C ASP A 68 -30.20 15.29 -5.53
N SER A 69 -30.06 15.90 -4.35
CA SER A 69 -29.16 17.03 -4.22
C SER A 69 -28.71 17.22 -2.78
N ASP A 70 -27.98 18.29 -2.54
CA ASP A 70 -27.52 18.61 -1.20
C ASP A 70 -28.33 19.76 -0.62
N ASP A 71 -29.47 20.05 -1.25
CA ASP A 71 -30.32 21.14 -0.78
C ASP A 71 -30.76 20.94 0.68
N TYR A 72 -30.78 19.70 1.14
CA TYR A 72 -31.18 19.42 2.52
C TYR A 72 -30.30 20.12 3.54
N LEU A 73 -29.08 20.48 3.12
CA LEU A 73 -28.14 21.15 4.02
C LEU A 73 -28.60 22.56 4.38
N LYS A 74 -29.58 23.07 3.65
CA LYS A 74 -30.09 24.41 3.96
C LYS A 74 -31.55 24.37 4.43
N ASN A 75 -31.99 23.19 4.83
CA ASN A 75 -33.35 23.02 5.31
C ASN A 75 -33.34 23.03 6.84
N PRO A 76 -34.06 23.98 7.46
CA PRO A 76 -34.13 24.10 8.92
C PRO A 76 -34.68 22.87 9.61
N ALA A 77 -35.59 22.17 8.92
CA ALA A 77 -36.20 20.96 9.47
C ALA A 77 -35.13 19.89 9.68
N PHE A 78 -34.20 19.79 8.73
CA PHE A 78 -33.12 18.82 8.83
C PHE A 78 -32.25 19.10 10.06
N TRP A 79 -31.73 20.32 10.16
CA TRP A 79 -30.87 20.67 11.29
C TRP A 79 -31.48 20.45 12.67
N GLU A 80 -32.77 20.69 12.81
CA GLU A 80 -33.43 20.49 14.10
C GLU A 80 -33.26 19.05 14.56
N LYS A 81 -33.45 18.11 13.64
CA LYS A 81 -33.32 16.69 13.95
C LYS A 81 -31.85 16.26 14.07
N MET A 82 -31.01 16.81 13.20
CA MET A 82 -29.59 16.46 13.19
C MET A 82 -28.89 16.88 14.48
N ASN A 83 -29.18 18.09 14.95
CA ASN A 83 -28.55 18.60 16.16
C ASN A 83 -29.21 18.17 17.46
N ASN A 84 -30.35 17.50 17.38
CA ASN A 84 -31.03 17.11 18.61
C ASN A 84 -31.35 15.63 18.78
N GLY A 85 -30.47 14.76 18.30
CA GLY A 85 -30.73 13.35 18.48
C GLY A 85 -30.18 12.40 17.44
N TRP A 86 -30.05 12.84 16.19
CA TRP A 86 -29.55 11.94 15.15
C TRP A 86 -28.10 11.52 15.35
N ASP A 87 -27.38 12.21 16.22
CA ASP A 87 -25.98 11.86 16.48
C ASP A 87 -25.90 10.64 17.40
N GLU A 88 -27.06 10.14 17.82
CA GLU A 88 -27.10 8.94 18.64
C GLU A 88 -26.72 7.80 17.70
N PHE A 89 -26.75 8.09 16.40
CA PHE A 89 -26.39 7.12 15.37
C PHE A 89 -24.98 7.40 14.80
N SER A 90 -24.36 8.47 15.28
CA SER A 90 -23.01 8.83 14.82
C SER A 90 -21.97 7.97 15.56
N ILE A 91 -21.04 7.39 14.83
CA ILE A 91 -20.02 6.52 15.43
C ILE A 91 -18.73 7.27 15.75
N PRO A 92 -18.36 7.32 17.04
CA PRO A 92 -17.13 8.02 17.42
C PRO A 92 -15.92 7.39 16.75
N LYS A 93 -14.92 8.21 16.42
CA LYS A 93 -13.72 7.70 15.76
C LYS A 93 -12.62 7.35 16.77
N GLU A 94 -12.05 6.16 16.59
CA GLU A 94 -10.97 5.68 17.44
C GLU A 94 -9.82 6.68 17.50
N ALA A 95 -9.45 7.22 16.35
CA ALA A 95 -8.35 8.18 16.31
C ALA A 95 -8.65 9.41 17.17
N ALA A 96 -9.89 9.87 17.16
CA ALA A 96 -10.28 11.02 17.95
C ALA A 96 -10.23 10.67 19.43
N ARG A 97 -10.63 9.44 19.75
CA ARG A 97 -10.62 9.00 21.14
C ARG A 97 -9.20 9.11 21.72
N GLN A 98 -8.22 8.64 20.95
CA GLN A 98 -6.82 8.66 21.39
C GLN A 98 -6.32 10.09 21.54
N LEU A 99 -6.65 10.95 20.59
CA LEU A 99 -6.24 12.34 20.64
C LEU A 99 -6.85 13.04 21.85
N ILE A 100 -8.17 12.87 22.02
CA ILE A 100 -8.84 13.51 23.15
C ILE A 100 -8.29 13.01 24.48
N ASP A 101 -8.07 11.70 24.60
CA ASP A 101 -7.50 11.15 25.86
C ASP A 101 -6.13 11.76 26.12
N MET A 102 -5.35 11.93 25.06
CA MET A 102 -4.01 12.50 25.19
C MET A 102 -4.05 13.95 25.66
N HIS A 103 -4.95 14.75 25.09
CA HIS A 103 -5.06 16.14 25.50
C HIS A 103 -5.68 16.30 26.89
N VAL A 104 -6.59 15.40 27.26
CA VAL A 104 -7.21 15.47 28.58
C VAL A 104 -6.13 15.15 29.62
N ARG A 105 -5.23 14.22 29.30
CA ARG A 105 -4.15 13.85 30.22
C ARG A 105 -3.19 15.01 30.43
N ARG A 106 -3.02 15.84 29.41
CA ARG A 106 -2.14 17.01 29.48
C ARG A 106 -2.80 18.15 30.25
N GLY A 107 -4.13 18.08 30.40
CA GLY A 107 -4.85 19.13 31.09
C GLY A 107 -5.26 20.25 30.16
N ASP A 108 -5.28 19.99 28.85
CA ASP A 108 -5.65 21.01 27.87
C ASP A 108 -7.15 21.26 27.85
N SER A 109 -7.55 22.42 27.36
CA SER A 109 -8.96 22.79 27.23
C SER A 109 -9.40 22.32 25.86
N ILE A 110 -10.45 21.52 25.79
CA ILE A 110 -10.93 21.01 24.52
C ILE A 110 -12.16 21.75 23.98
N TYR A 111 -12.05 22.20 22.73
CA TYR A 111 -13.14 22.92 22.06
C TYR A 111 -13.52 22.19 20.77
N PHE A 112 -14.81 22.24 20.46
CA PHE A 112 -15.36 21.64 19.25
C PHE A 112 -16.02 22.78 18.47
N VAL A 113 -15.50 23.05 17.26
CA VAL A 113 -16.02 24.10 16.41
C VAL A 113 -16.66 23.46 15.19
N THR A 114 -17.93 23.76 14.95
CA THR A 114 -18.61 23.15 13.81
C THR A 114 -19.23 24.13 12.84
N GLY A 115 -19.33 23.70 11.59
CA GLY A 115 -19.94 24.51 10.55
C GLY A 115 -21.41 24.17 10.39
N ARG A 116 -21.92 23.26 11.22
CA ARG A 116 -23.34 22.87 11.14
C ARG A 116 -24.20 24.11 11.42
N SER A 117 -25.40 24.17 10.82
CA SER A 117 -26.27 25.30 11.06
C SER A 117 -26.67 25.29 12.52
N GLN A 118 -26.70 26.46 13.13
CA GLN A 118 -27.06 26.58 14.52
C GLN A 118 -28.56 26.45 14.73
N THR A 119 -28.94 25.72 15.77
CA THR A 119 -30.34 25.52 16.10
C THR A 119 -30.56 26.07 17.51
N LYS A 120 -31.82 26.29 17.86
CA LYS A 120 -32.17 26.82 19.18
C LYS A 120 -31.56 25.98 20.28
N THR A 121 -31.69 24.66 20.17
CA THR A 121 -31.12 23.74 21.15
C THR A 121 -30.25 22.72 20.42
N GLU A 122 -29.43 21.99 21.17
CA GLU A 122 -28.56 20.96 20.59
C GLU A 122 -28.13 19.98 21.67
N THR A 123 -27.99 18.71 21.29
CA THR A 123 -27.56 17.68 22.22
C THR A 123 -26.22 17.09 21.78
N VAL A 124 -25.58 17.75 20.82
CA VAL A 124 -24.27 17.31 20.31
C VAL A 124 -23.24 17.37 21.43
N SER A 125 -23.22 18.47 22.18
CA SER A 125 -22.28 18.65 23.28
C SER A 125 -22.36 17.51 24.27
N LYS A 126 -23.59 17.11 24.59
CA LYS A 126 -23.82 16.01 25.52
C LYS A 126 -23.32 14.69 24.93
N THR A 127 -23.61 14.46 23.66
CA THR A 127 -23.17 13.25 22.97
C THR A 127 -21.65 13.14 22.96
N LEU A 128 -20.97 14.26 22.72
CA LEU A 128 -19.50 14.27 22.67
C LEU A 128 -18.88 14.00 24.04
N ALA A 129 -19.34 14.74 25.04
CA ALA A 129 -18.82 14.58 26.40
C ALA A 129 -19.02 13.14 26.89
N ASP A 130 -20.16 12.53 26.56
CA ASP A 130 -20.45 11.16 26.98
C ASP A 130 -19.64 10.09 26.26
N ASN A 131 -19.62 10.15 24.94
CA ASN A 131 -18.88 9.14 24.18
C ASN A 131 -17.38 9.18 24.40
N PHE A 132 -16.82 10.36 24.64
CA PHE A 132 -15.39 10.47 24.83
C PHE A 132 -14.98 10.62 26.29
N HIS A 133 -15.94 10.52 27.20
CA HIS A 133 -15.69 10.65 28.63
C HIS A 133 -14.81 11.85 28.94
N ILE A 134 -15.22 13.01 28.44
CA ILE A 134 -14.45 14.22 28.68
C ILE A 134 -14.82 14.81 30.04
N PRO A 135 -13.81 15.06 30.90
CA PRO A 135 -14.04 15.63 32.23
C PRO A 135 -14.64 17.04 32.12
N ALA A 136 -15.52 17.39 33.05
CA ALA A 136 -16.15 18.70 33.05
C ALA A 136 -15.12 19.82 32.96
N ALA A 137 -13.96 19.61 33.57
CA ALA A 137 -12.91 20.62 33.56
C ALA A 137 -12.27 20.82 32.20
N ASN A 138 -12.41 19.87 31.29
CA ASN A 138 -11.81 20.02 29.97
C ASN A 138 -12.83 20.25 28.87
N MET A 139 -14.10 20.00 29.19
CA MET A 139 -15.20 20.14 28.24
C MET A 139 -15.72 21.56 28.07
N ASN A 140 -16.07 21.91 26.84
CA ASN A 140 -16.61 23.22 26.52
C ASN A 140 -17.76 22.99 25.53
N PRO A 141 -18.85 23.74 25.67
CA PRO A 141 -20.00 23.60 24.76
C PRO A 141 -19.60 23.78 23.30
N VAL A 142 -20.22 22.99 22.42
CA VAL A 142 -19.94 23.07 20.99
C VAL A 142 -20.13 24.50 20.48
N ILE A 143 -19.18 24.95 19.66
CA ILE A 143 -19.20 26.28 19.07
C ILE A 143 -19.67 26.21 17.61
N PHE A 144 -20.76 26.90 17.30
CA PHE A 144 -21.28 26.91 15.94
C PHE A 144 -20.76 28.18 15.27
N ALA A 145 -19.79 28.01 14.39
CA ALA A 145 -19.20 29.13 13.67
C ALA A 145 -19.91 29.29 12.34
N GLY A 146 -19.97 30.53 11.85
CA GLY A 146 -20.64 30.78 10.58
C GLY A 146 -20.51 32.23 10.13
N ASP A 147 -21.06 32.53 8.96
CA ASP A 147 -20.99 33.87 8.40
C ASP A 147 -22.14 34.81 8.79
N LYS A 148 -23.02 34.34 9.68
CA LYS A 148 -24.13 35.15 10.14
C LYS A 148 -23.63 36.27 11.06
N PRO A 149 -24.34 37.40 11.10
CA PRO A 149 -23.97 38.55 11.94
C PRO A 149 -23.99 38.27 13.44
N GLU A 150 -24.76 37.26 13.86
CA GLU A 150 -24.85 36.91 15.27
C GLU A 150 -23.75 35.92 15.65
N GLN A 151 -23.06 35.37 14.64
CA GLN A 151 -22.00 34.40 14.89
C GLN A 151 -20.64 34.98 14.54
N ASN A 152 -19.59 34.30 14.97
CA ASN A 152 -18.23 34.68 14.65
C ASN A 152 -17.74 33.58 13.70
N THR A 153 -16.79 33.92 12.82
CA THR A 153 -16.25 32.94 11.88
C THR A 153 -15.40 31.92 12.61
N LYS A 154 -15.02 30.85 11.92
CA LYS A 154 -14.21 29.81 12.52
C LYS A 154 -12.86 30.43 12.95
N VAL A 155 -12.28 31.24 12.09
CA VAL A 155 -11.00 31.88 12.39
C VAL A 155 -11.07 32.76 13.65
N GLN A 156 -12.14 33.52 13.81
CA GLN A 156 -12.29 34.38 14.98
C GLN A 156 -12.39 33.57 16.25
N TRP A 157 -13.10 32.45 16.18
CA TRP A 157 -13.24 31.58 17.34
C TRP A 157 -11.91 30.96 17.75
N LEU A 158 -11.10 30.55 16.77
CA LEU A 158 -9.81 29.96 17.09
C LEU A 158 -8.94 31.03 17.75
N GLN A 159 -9.02 32.25 17.24
CA GLN A 159 -8.24 33.34 17.81
C GLN A 159 -8.78 33.71 19.19
N GLU A 160 -10.10 33.81 19.30
CA GLU A 160 -10.76 34.16 20.55
C GLU A 160 -10.39 33.24 21.70
N LYS A 161 -10.45 31.93 21.48
CA LYS A 161 -10.13 30.96 22.52
C LYS A 161 -8.64 30.63 22.58
N ASN A 162 -7.85 31.29 21.74
CA ASN A 162 -6.42 31.09 21.68
C ASN A 162 -6.04 29.62 21.50
N MET A 163 -6.69 28.96 20.55
CA MET A 163 -6.39 27.57 20.28
C MET A 163 -5.02 27.51 19.61
N ARG A 164 -4.23 26.53 19.99
CA ARG A 164 -2.88 26.36 19.46
C ARG A 164 -2.82 25.28 18.37
N ILE A 165 -3.80 24.39 18.39
CA ILE A 165 -3.90 23.32 17.42
C ILE A 165 -5.34 23.14 16.99
N PHE A 166 -5.56 22.84 15.72
CA PHE A 166 -6.91 22.58 15.23
C PHE A 166 -6.88 21.32 14.36
N TYR A 167 -7.70 20.35 14.70
CA TYR A 167 -7.78 19.08 13.97
C TYR A 167 -9.03 19.07 13.07
N GLY A 168 -8.86 18.64 11.82
CA GLY A 168 -10.00 18.59 10.91
C GLY A 168 -9.74 17.74 9.68
N ASP A 169 -10.79 17.32 8.99
CA ASP A 169 -10.67 16.50 7.79
C ASP A 169 -10.78 17.29 6.48
N SER A 170 -11.36 18.50 6.54
CA SER A 170 -11.56 19.32 5.34
C SER A 170 -10.50 20.39 5.11
N ASP A 171 -10.36 20.80 3.86
CA ASP A 171 -9.39 21.85 3.53
C ASP A 171 -9.65 23.13 4.29
N ASN A 172 -10.92 23.47 4.50
CA ASN A 172 -11.22 24.71 5.20
C ASN A 172 -10.81 24.65 6.67
N ASP A 173 -10.65 23.45 7.21
CA ASP A 173 -10.20 23.31 8.61
C ASP A 173 -8.72 23.67 8.69
N ILE A 174 -7.97 23.23 7.68
CA ILE A 174 -6.54 23.49 7.62
C ILE A 174 -6.24 24.95 7.30
N THR A 175 -6.96 25.53 6.35
CA THR A 175 -6.73 26.92 5.98
C THR A 175 -7.07 27.85 7.14
N ALA A 176 -8.08 27.48 7.93
CA ALA A 176 -8.46 28.29 9.09
C ALA A 176 -7.26 28.35 10.03
N ALA A 177 -6.66 27.19 10.30
CA ALA A 177 -5.49 27.14 11.17
C ALA A 177 -4.34 27.96 10.56
N ARG A 178 -4.14 27.82 9.25
CA ARG A 178 -3.08 28.55 8.58
C ARG A 178 -3.28 30.06 8.69
N ASP A 179 -4.52 30.51 8.55
CA ASP A 179 -4.82 31.94 8.64
C ASP A 179 -4.57 32.50 10.03
N CYS A 180 -4.68 31.65 11.05
CA CYS A 180 -4.44 32.09 12.43
C CYS A 180 -3.00 31.93 12.85
N GLY A 181 -2.20 31.30 12.00
CA GLY A 181 -0.81 31.08 12.33
C GLY A 181 -0.64 29.95 13.33
N ILE A 182 -1.61 29.05 13.43
CA ILE A 182 -1.48 27.93 14.35
C ILE A 182 -1.26 26.60 13.61
N ARG A 183 -1.15 25.53 14.38
CA ARG A 183 -0.89 24.20 13.83
C ARG A 183 -2.15 23.47 13.41
N GLY A 184 -2.30 23.26 12.12
CA GLY A 184 -3.47 22.55 11.60
C GLY A 184 -3.07 21.14 11.27
N ILE A 185 -3.78 20.16 11.85
CA ILE A 185 -3.48 18.76 11.62
C ILE A 185 -4.67 18.05 10.97
N ARG A 186 -4.40 17.34 9.88
CA ARG A 186 -5.43 16.63 9.13
C ARG A 186 -5.83 15.24 9.60
N ILE A 187 -7.15 14.99 9.61
CA ILE A 187 -7.72 13.70 9.97
C ILE A 187 -8.27 13.15 8.66
N LEU A 188 -8.09 11.85 8.43
CA LEU A 188 -8.59 11.22 7.20
C LEU A 188 -10.10 10.97 7.25
N ARG A 189 -10.80 11.37 6.19
CA ARG A 189 -12.25 11.15 6.10
C ARG A 189 -12.46 9.72 5.63
N ALA A 190 -13.36 8.98 6.27
CA ALA A 190 -13.63 7.59 5.89
C ALA A 190 -14.11 7.45 4.45
N ALA A 191 -13.75 6.35 3.80
CA ALA A 191 -14.14 6.11 2.42
C ALA A 191 -15.65 5.94 2.27
N ASN A 192 -16.35 5.55 3.34
CA ASN A 192 -17.81 5.39 3.26
C ASN A 192 -18.59 6.59 3.75
N SER A 193 -17.91 7.73 3.94
CA SER A 193 -18.60 8.96 4.35
C SER A 193 -19.45 9.37 3.16
N THR A 194 -20.58 10.04 3.40
CA THR A 194 -21.40 10.44 2.27
C THR A 194 -20.98 11.82 1.77
N TYR A 195 -20.01 12.43 2.45
CA TYR A 195 -19.53 13.73 2.03
C TYR A 195 -18.38 13.48 1.05
N LYS A 196 -18.70 13.52 -0.25
CA LYS A 196 -17.71 13.28 -1.31
C LYS A 196 -17.61 14.47 -2.25
N PRO A 197 -16.49 14.59 -2.99
CA PRO A 197 -15.36 13.64 -2.96
C PRO A 197 -14.47 13.77 -1.72
N LEU A 198 -13.67 12.75 -1.46
CA LEU A 198 -12.76 12.80 -0.32
C LEU A 198 -11.73 13.88 -0.58
N PRO A 199 -11.31 14.60 0.46
CA PRO A 199 -10.31 15.64 0.20
C PRO A 199 -8.90 15.05 0.08
N GLN A 200 -7.98 15.82 -0.48
CA GLN A 200 -6.59 15.37 -0.60
C GLN A 200 -5.81 15.77 0.65
N ALA A 201 -5.75 14.85 1.61
CA ALA A 201 -5.02 15.10 2.84
C ALA A 201 -3.56 15.35 2.50
N GLY A 202 -3.01 16.46 3.01
CA GLY A 202 -1.63 16.81 2.73
C GLY A 202 -1.47 17.84 1.64
N ALA A 203 -2.58 18.26 1.04
CA ALA A 203 -2.55 19.25 -0.04
C ALA A 203 -1.91 20.59 0.33
N PHE A 204 -1.76 20.86 1.62
CA PHE A 204 -1.14 22.12 2.05
C PHE A 204 0.19 21.85 2.74
N GLY A 205 0.69 20.62 2.63
CA GLY A 205 1.94 20.29 3.28
C GLY A 205 1.78 20.10 4.77
N GLU A 206 0.53 19.98 5.23
CA GLU A 206 0.22 19.80 6.66
C GLU A 206 0.46 18.38 7.13
N GLU A 207 0.57 18.20 8.44
CA GLU A 207 0.75 16.88 9.05
C GLU A 207 -0.59 16.15 8.93
N VAL A 208 -0.54 14.84 8.66
CA VAL A 208 -1.74 14.01 8.54
C VAL A 208 -1.57 12.83 9.49
N ILE A 209 -2.60 12.57 10.30
CA ILE A 209 -2.54 11.47 11.26
C ILE A 209 -2.79 10.12 10.60
N VAL A 210 -1.87 9.19 10.81
CA VAL A 210 -1.98 7.86 10.22
C VAL A 210 -3.20 7.10 10.76
N ASN A 211 -3.78 6.26 9.91
CA ASN A 211 -4.90 5.42 10.28
C ASN A 211 -6.03 6.16 10.97
N SER A 212 -6.24 7.41 10.61
CA SER A 212 -7.28 8.20 11.25
C SER A 212 -8.65 8.14 10.56
N GLU A 213 -8.83 7.18 9.65
CA GLU A 213 -10.10 7.04 8.95
C GLU A 213 -11.18 6.39 9.82
N TYR A 214 -10.78 5.82 10.95
CA TYR A 214 -11.73 5.16 11.85
C TYR A 214 -11.42 5.45 13.32
N SER B 6 3.98 1.18 20.26
CA SER B 6 5.33 0.59 20.01
C SER B 6 6.40 1.69 20.09
N THR B 7 7.27 1.76 19.08
CA THR B 7 8.33 2.75 19.03
C THR B 7 7.82 4.09 18.50
N LEU B 8 8.41 5.18 18.96
CA LEU B 8 8.00 6.53 18.55
C LEU B 8 8.17 6.80 17.05
N ASN B 9 9.33 6.43 16.51
CA ASN B 9 9.61 6.60 15.09
C ASN B 9 9.99 5.23 14.54
N PRO B 10 8.99 4.40 14.22
CA PRO B 10 9.27 3.07 13.70
C PRO B 10 9.89 3.01 12.29
N GLY B 11 9.63 4.04 11.48
CA GLY B 11 10.13 4.05 10.13
C GLY B 11 9.56 2.89 9.31
N THR B 12 10.08 2.69 8.11
CA THR B 12 9.62 1.58 7.25
C THR B 12 10.72 1.28 6.24
N ASN B 13 10.49 0.30 5.37
CA ASN B 13 11.47 -0.04 4.34
C ASN B 13 10.69 -0.47 3.10
N VAL B 14 11.36 -0.50 1.94
CA VAL B 14 10.65 -0.82 0.71
C VAL B 14 10.11 -2.23 0.58
N ALA B 15 10.67 -3.19 1.33
CA ALA B 15 10.19 -4.57 1.27
C ALA B 15 8.80 -4.58 1.93
N LYS B 16 8.69 -3.88 3.05
CA LYS B 16 7.41 -3.79 3.75
C LYS B 16 6.40 -2.99 2.94
N LEU B 17 6.82 -1.89 2.32
CA LEU B 17 5.91 -1.06 1.52
C LEU B 17 5.27 -1.84 0.37
N ALA B 18 6.04 -2.71 -0.27
CA ALA B 18 5.53 -3.49 -1.39
C ALA B 18 4.97 -4.87 -1.03
N GLU B 19 5.07 -5.26 0.23
CA GLU B 19 4.59 -6.58 0.63
C GLU B 19 3.10 -6.81 0.36
N GLN B 20 2.78 -7.96 -0.24
CA GLN B 20 1.40 -8.29 -0.57
C GLN B 20 0.94 -9.58 0.10
N ALA B 21 -0.31 -9.61 0.54
CA ALA B 21 -0.84 -10.83 1.14
C ALA B 21 -1.25 -11.69 -0.06
N PRO B 22 -1.11 -13.01 0.04
CA PRO B 22 -1.50 -13.88 -1.09
C PRO B 22 -3.02 -14.08 -1.15
N VAL B 23 -3.70 -13.11 -1.76
CA VAL B 23 -5.14 -13.10 -1.88
C VAL B 23 -5.59 -13.06 -3.33
N HIS B 24 -6.71 -13.70 -3.62
CA HIS B 24 -7.24 -13.71 -4.98
C HIS B 24 -8.25 -12.58 -5.14
N TRP B 25 -7.78 -11.42 -5.58
CA TRP B 25 -8.61 -10.24 -5.79
C TRP B 25 -9.29 -10.31 -7.15
N VAL B 26 -10.54 -9.85 -7.21
CA VAL B 26 -11.31 -9.81 -8.46
C VAL B 26 -12.07 -8.49 -8.51
N SER B 27 -12.48 -8.10 -9.71
CA SER B 27 -13.26 -6.88 -9.88
C SER B 27 -14.67 -7.26 -10.30
N VAL B 28 -15.60 -6.32 -10.17
CA VAL B 28 -16.97 -6.59 -10.58
C VAL B 28 -16.94 -6.93 -12.06
N ALA B 29 -16.12 -6.23 -12.83
CA ALA B 29 -16.04 -6.48 -14.26
C ALA B 29 -15.57 -7.91 -14.58
N GLN B 30 -14.67 -8.45 -13.75
CA GLN B 30 -14.20 -9.82 -13.99
C GLN B 30 -15.31 -10.80 -13.63
N ILE B 31 -16.08 -10.49 -12.59
CA ILE B 31 -17.17 -11.37 -12.20
C ILE B 31 -18.19 -11.40 -13.34
N GLU B 32 -18.56 -10.24 -13.85
CA GLU B 32 -19.54 -10.20 -14.93
C GLU B 32 -19.06 -10.99 -16.14
N ASN B 33 -17.78 -10.84 -16.49
CA ASN B 33 -17.23 -11.56 -17.64
C ASN B 33 -17.31 -13.08 -17.42
N SER B 34 -17.16 -13.53 -16.19
CA SER B 34 -17.23 -14.95 -15.90
C SER B 34 -18.66 -15.51 -16.02
N LEU B 35 -19.65 -14.63 -16.05
CA LEU B 35 -21.04 -15.06 -16.16
C LEU B 35 -21.59 -14.95 -17.57
N THR B 36 -20.80 -14.38 -18.48
CA THR B 36 -21.22 -14.20 -19.86
C THR B 36 -21.87 -15.43 -20.47
N GLY B 37 -23.05 -15.24 -21.06
CA GLY B 37 -23.75 -16.35 -21.69
C GLY B 37 -24.63 -17.19 -20.77
N ARG B 38 -24.40 -17.13 -19.47
CA ARG B 38 -25.19 -17.91 -18.53
C ARG B 38 -26.58 -17.32 -18.35
N PRO B 39 -27.62 -18.17 -18.40
CA PRO B 39 -29.02 -17.73 -18.25
C PRO B 39 -29.24 -17.17 -16.84
N PRO B 40 -30.35 -16.42 -16.64
CA PRO B 40 -30.65 -15.84 -15.33
C PRO B 40 -30.56 -16.92 -14.24
N MET B 41 -30.16 -16.52 -13.05
CA MET B 41 -30.03 -17.45 -11.95
C MET B 41 -30.33 -16.75 -10.62
N ALA B 42 -30.35 -17.52 -9.55
CA ALA B 42 -30.58 -16.96 -8.24
C ALA B 42 -29.22 -16.66 -7.60
N VAL B 43 -29.11 -15.49 -6.98
CA VAL B 43 -27.88 -15.11 -6.30
C VAL B 43 -28.28 -14.53 -4.94
N GLY B 44 -27.39 -14.68 -3.96
CA GLY B 44 -27.70 -14.17 -2.63
C GLY B 44 -26.66 -13.22 -2.07
N PHE B 45 -27.12 -12.35 -1.18
CA PHE B 45 -26.27 -11.36 -0.51
C PHE B 45 -26.55 -11.38 0.98
N ASP B 46 -25.49 -11.31 1.77
CA ASP B 46 -25.63 -11.19 3.20
C ASP B 46 -26.00 -9.70 3.28
N ILE B 47 -26.56 -9.22 4.40
CA ILE B 47 -26.91 -7.81 4.45
C ILE B 47 -25.91 -6.88 5.14
N ASP B 48 -25.67 -7.13 6.43
CA ASP B 48 -24.81 -6.26 7.21
C ASP B 48 -23.33 -6.30 6.83
N ASP B 49 -22.83 -5.13 6.45
CA ASP B 49 -21.44 -4.92 6.01
C ASP B 49 -21.16 -5.55 4.65
N THR B 50 -22.20 -5.99 3.97
CA THR B 50 -22.07 -6.56 2.64
C THR B 50 -22.78 -5.61 1.67
N VAL B 51 -24.06 -5.32 1.93
CA VAL B 51 -24.78 -4.36 1.08
C VAL B 51 -25.09 -3.08 1.86
N LEU B 52 -25.17 -3.17 3.19
CA LEU B 52 -25.44 -2.01 4.03
C LEU B 52 -24.43 -1.81 5.16
N PHE B 53 -24.02 -0.56 5.38
CA PHE B 53 -23.16 -0.26 6.51
C PHE B 53 -24.23 0.05 7.57
N SER B 54 -24.60 -0.98 8.33
CA SER B 54 -25.64 -0.85 9.33
C SER B 54 -25.17 -0.60 10.77
N SER B 55 -23.87 -0.36 10.94
CA SER B 55 -23.33 -0.11 12.28
C SER B 55 -24.02 1.01 13.04
N PRO B 56 -24.55 2.04 12.35
CA PRO B 56 -25.21 3.12 13.10
C PRO B 56 -26.27 2.56 14.04
N GLY B 57 -27.11 1.68 13.51
CA GLY B 57 -28.17 1.07 14.30
C GLY B 57 -27.70 0.14 15.40
N PHE B 58 -26.67 -0.66 15.11
CA PHE B 58 -26.15 -1.57 16.11
C PHE B 58 -25.46 -0.78 17.22
N TRP B 59 -24.80 0.32 16.84
CA TRP B 59 -24.12 1.17 17.80
C TRP B 59 -25.16 1.76 18.75
N ARG B 60 -26.25 2.27 18.20
CA ARG B 60 -27.30 2.85 19.04
C ARG B 60 -27.97 1.79 19.89
N GLY B 61 -28.12 0.58 19.36
CA GLY B 61 -28.74 -0.49 20.12
C GLY B 61 -27.92 -0.87 21.34
N LYS B 62 -26.61 -0.98 21.14
CA LYS B 62 -25.69 -1.34 22.22
C LYS B 62 -25.71 -0.27 23.30
N LYS B 63 -25.65 0.98 22.87
CA LYS B 63 -25.64 2.12 23.77
C LYS B 63 -26.92 2.15 24.61
N THR B 64 -28.05 1.88 23.96
CA THR B 64 -29.35 1.91 24.62
C THR B 64 -29.65 0.68 25.49
N TYR B 65 -29.36 -0.51 24.98
CA TYR B 65 -29.67 -1.73 25.72
C TYR B 65 -28.53 -2.47 26.43
N SER B 66 -27.30 -2.34 25.95
CA SER B 66 -26.17 -3.04 26.57
C SER B 66 -24.87 -2.25 26.51
N PRO B 67 -24.84 -1.05 27.10
CA PRO B 67 -23.61 -0.25 27.05
C PRO B 67 -22.31 -0.97 27.36
N ASP B 68 -22.35 -1.97 28.24
CA ASP B 68 -21.12 -2.69 28.59
C ASP B 68 -20.94 -4.05 27.93
N SER B 69 -21.91 -4.49 27.13
CA SER B 69 -21.79 -5.79 26.49
C SER B 69 -22.58 -5.91 25.20
N ASP B 70 -22.66 -7.15 24.69
CA ASP B 70 -23.38 -7.43 23.46
C ASP B 70 -24.69 -8.13 23.74
N ASP B 71 -25.27 -7.88 24.91
CA ASP B 71 -26.53 -8.52 25.27
C ASP B 71 -27.70 -8.00 24.43
N TYR B 72 -27.55 -6.78 23.90
CA TYR B 72 -28.60 -6.20 23.08
C TYR B 72 -28.94 -7.09 21.88
N LEU B 73 -27.97 -7.85 21.41
CA LEU B 73 -28.20 -8.72 20.26
C LEU B 73 -29.20 -9.82 20.58
N LYS B 74 -29.55 -9.94 21.87
CA LYS B 74 -30.51 -10.93 22.33
C LYS B 74 -31.79 -10.27 22.84
N ASN B 75 -31.80 -8.95 22.86
CA ASN B 75 -32.95 -8.20 23.33
C ASN B 75 -33.98 -8.00 22.23
N PRO B 76 -35.18 -8.59 22.39
CA PRO B 76 -36.25 -8.46 21.40
C PRO B 76 -36.59 -7.02 21.07
N ALA B 77 -36.49 -6.15 22.08
CA ALA B 77 -36.80 -4.74 21.89
C ALA B 77 -35.86 -4.12 20.87
N PHE B 78 -34.59 -4.52 20.93
CA PHE B 78 -33.60 -4.00 19.98
C PHE B 78 -33.97 -4.36 18.55
N TRP B 79 -34.26 -5.64 18.31
CA TRP B 79 -34.61 -6.10 16.98
C TRP B 79 -35.87 -5.46 16.41
N GLU B 80 -36.82 -5.08 17.25
CA GLU B 80 -38.03 -4.42 16.75
C GLU B 80 -37.62 -3.11 16.09
N LYS B 81 -36.74 -2.37 16.77
CA LYS B 81 -36.25 -1.08 16.27
C LYS B 81 -35.36 -1.26 15.04
N MET B 82 -34.40 -2.17 15.15
CA MET B 82 -33.44 -2.43 14.08
C MET B 82 -34.07 -2.87 12.76
N ASN B 83 -35.07 -3.74 12.81
CA ASN B 83 -35.70 -4.20 11.58
C ASN B 83 -36.89 -3.38 11.09
N ASN B 84 -37.28 -2.35 11.83
CA ASN B 84 -38.41 -1.53 11.43
C ASN B 84 -38.17 -0.03 11.37
N GLY B 85 -36.99 0.36 10.88
CA GLY B 85 -36.71 1.77 10.77
C GLY B 85 -35.28 2.25 10.96
N TRP B 86 -34.49 1.58 11.78
CA TRP B 86 -33.13 2.04 11.99
C TRP B 86 -32.24 1.93 10.75
N ASP B 87 -32.67 1.17 9.75
CA ASP B 87 -31.88 1.03 8.53
C ASP B 87 -32.03 2.28 7.66
N GLU B 88 -32.86 3.23 8.10
CA GLU B 88 -33.00 4.50 7.38
C GLU B 88 -31.67 5.21 7.58
N PHE B 89 -30.93 4.79 8.61
CA PHE B 89 -29.62 5.36 8.94
C PHE B 89 -28.47 4.48 8.39
N SER B 90 -28.82 3.36 7.77
CA SER B 90 -27.82 2.46 7.19
C SER B 90 -27.40 3.01 5.84
N ILE B 91 -26.08 3.04 5.61
CA ILE B 91 -25.52 3.57 4.38
C ILE B 91 -25.22 2.46 3.37
N PRO B 92 -25.86 2.50 2.20
CA PRO B 92 -25.62 1.46 1.19
C PRO B 92 -24.20 1.52 0.62
N LYS B 93 -23.64 0.35 0.33
CA LYS B 93 -22.28 0.27 -0.21
C LYS B 93 -22.23 0.38 -1.73
N GLU B 94 -21.28 1.16 -2.23
CA GLU B 94 -21.11 1.35 -3.66
C GLU B 94 -20.76 0.06 -4.39
N ALA B 95 -20.01 -0.82 -3.74
CA ALA B 95 -19.64 -2.09 -4.36
C ALA B 95 -20.91 -2.94 -4.54
N ALA B 96 -21.81 -2.86 -3.58
CA ALA B 96 -23.04 -3.62 -3.63
C ALA B 96 -23.90 -3.08 -4.77
N ARG B 97 -23.93 -1.76 -4.89
CA ARG B 97 -24.69 -1.10 -5.93
C ARG B 97 -24.22 -1.61 -7.30
N GLN B 98 -22.91 -1.68 -7.49
CA GLN B 98 -22.36 -2.17 -8.75
C GLN B 98 -22.71 -3.62 -9.01
N LEU B 99 -22.64 -4.45 -7.98
CA LEU B 99 -22.97 -5.87 -8.13
C LEU B 99 -24.46 -6.08 -8.42
N ILE B 100 -25.32 -5.38 -7.70
CA ILE B 100 -26.76 -5.53 -7.90
C ILE B 100 -27.16 -5.04 -9.29
N ASP B 101 -26.64 -3.90 -9.72
CA ASP B 101 -26.96 -3.36 -11.05
C ASP B 101 -26.59 -4.38 -12.11
N MET B 102 -25.46 -5.04 -11.92
CA MET B 102 -24.98 -6.03 -12.85
C MET B 102 -25.91 -7.24 -12.87
N HIS B 103 -26.28 -7.75 -11.71
CA HIS B 103 -27.18 -8.89 -11.67
C HIS B 103 -28.58 -8.52 -12.21
N VAL B 104 -29.01 -7.28 -12.00
CA VAL B 104 -30.30 -6.84 -12.52
C VAL B 104 -30.27 -6.81 -14.05
N ARG B 105 -29.16 -6.37 -14.65
CA ARG B 105 -29.06 -6.35 -16.11
C ARG B 105 -29.13 -7.76 -16.67
N ARG B 106 -28.61 -8.72 -15.91
CA ARG B 106 -28.62 -10.12 -16.33
C ARG B 106 -30.01 -10.75 -16.16
N GLY B 107 -30.83 -10.12 -15.33
CA GLY B 107 -32.17 -10.65 -15.09
C GLY B 107 -32.18 -11.71 -14.00
N ASP B 108 -31.16 -11.73 -13.15
CA ASP B 108 -31.08 -12.72 -12.07
C ASP B 108 -32.07 -12.40 -10.94
N SER B 109 -32.41 -13.43 -10.16
CA SER B 109 -33.30 -13.25 -9.02
C SER B 109 -32.40 -13.01 -7.81
N ILE B 110 -32.58 -11.84 -7.20
CA ILE B 110 -31.78 -11.45 -6.06
C ILE B 110 -32.41 -11.71 -4.69
N TYR B 111 -31.67 -12.42 -3.85
CA TYR B 111 -32.09 -12.74 -2.49
C TYR B 111 -31.15 -12.13 -1.47
N PHE B 112 -31.71 -11.74 -0.32
CA PHE B 112 -30.95 -11.19 0.78
C PHE B 112 -31.17 -12.15 1.94
N VAL B 113 -30.08 -12.69 2.48
CA VAL B 113 -30.15 -13.64 3.59
C VAL B 113 -29.47 -13.03 4.79
N THR B 114 -30.18 -12.92 5.91
CA THR B 114 -29.58 -12.31 7.08
C THR B 114 -29.65 -13.16 8.35
N GLY B 115 -28.68 -12.92 9.23
CA GLY B 115 -28.62 -13.61 10.51
C GLY B 115 -29.29 -12.81 11.62
N ARG B 116 -29.89 -11.67 11.27
CA ARG B 116 -30.59 -10.85 12.24
C ARG B 116 -31.76 -11.64 12.82
N SER B 117 -32.16 -11.33 14.04
CA SER B 117 -33.30 -12.03 14.63
C SER B 117 -34.56 -11.63 13.90
N GLN B 118 -35.45 -12.61 13.68
CA GLN B 118 -36.68 -12.36 12.96
C GLN B 118 -37.76 -11.70 13.81
N THR B 119 -38.38 -10.66 13.27
CA THR B 119 -39.45 -9.94 13.96
C THR B 119 -40.72 -10.14 13.13
N LYS B 120 -41.88 -9.90 13.73
CA LYS B 120 -43.15 -10.08 13.03
C LYS B 120 -43.32 -9.16 11.82
N THR B 121 -42.76 -7.96 11.89
CA THR B 121 -42.84 -7.04 10.76
C THR B 121 -41.41 -6.57 10.45
N GLU B 122 -41.18 -6.10 9.22
CA GLU B 122 -39.86 -5.62 8.84
C GLU B 122 -39.93 -4.72 7.63
N THR B 123 -39.15 -3.64 7.64
CA THR B 123 -39.13 -2.70 6.53
C THR B 123 -37.77 -2.73 5.82
N VAL B 124 -36.95 -3.72 6.16
CA VAL B 124 -35.63 -3.87 5.54
C VAL B 124 -35.76 -4.14 4.04
N SER B 125 -36.71 -5.00 3.67
CA SER B 125 -36.93 -5.34 2.27
C SER B 125 -37.22 -4.12 1.42
N LYS B 126 -38.03 -3.20 1.95
CA LYS B 126 -38.37 -1.98 1.22
C LYS B 126 -37.16 -1.06 1.12
N THR B 127 -36.42 -0.94 2.22
CA THR B 127 -35.23 -0.09 2.23
C THR B 127 -34.28 -0.53 1.13
N LEU B 128 -34.06 -1.84 1.03
CA LEU B 128 -33.16 -2.39 0.03
C LEU B 128 -33.66 -2.19 -1.40
N ALA B 129 -34.93 -2.50 -1.66
CA ALA B 129 -35.45 -2.34 -3.01
C ALA B 129 -35.39 -0.88 -3.45
N ASP B 130 -35.66 0.03 -2.51
CA ASP B 130 -35.62 1.47 -2.81
C ASP B 130 -34.20 2.00 -3.01
N ASN B 131 -33.32 1.72 -2.06
CA ASN B 131 -31.94 2.19 -2.17
C ASN B 131 -31.21 1.70 -3.42
N PHE B 132 -31.41 0.44 -3.75
CA PHE B 132 -30.74 -0.16 -4.91
C PHE B 132 -31.58 -0.21 -6.20
N HIS B 133 -32.77 0.39 -6.15
CA HIS B 133 -33.67 0.44 -7.31
C HIS B 133 -33.81 -0.88 -8.02
N ILE B 134 -34.15 -1.91 -7.26
CA ILE B 134 -34.30 -3.26 -7.80
C ILE B 134 -35.71 -3.46 -8.38
N PRO B 135 -35.82 -3.86 -9.65
CA PRO B 135 -37.13 -4.07 -10.28
C PRO B 135 -37.92 -5.17 -9.56
N ALA B 136 -39.25 -5.01 -9.52
CA ALA B 136 -40.13 -5.98 -8.85
C ALA B 136 -39.87 -7.44 -9.22
N ALA B 137 -39.60 -7.70 -10.48
CA ALA B 137 -39.39 -9.07 -10.94
C ALA B 137 -38.10 -9.71 -10.42
N ASN B 138 -37.13 -8.88 -10.03
CA ASN B 138 -35.84 -9.40 -9.56
C ASN B 138 -35.72 -9.37 -8.05
N MET B 139 -36.63 -8.66 -7.39
CA MET B 139 -36.60 -8.52 -5.94
C MET B 139 -37.33 -9.63 -5.21
N ASN B 140 -36.82 -9.98 -4.03
CA ASN B 140 -37.41 -11.02 -3.20
C ASN B 140 -37.32 -10.54 -1.75
N PRO B 141 -38.32 -10.86 -0.92
CA PRO B 141 -38.37 -10.48 0.49
C PRO B 141 -37.17 -11.00 1.26
N VAL B 142 -36.61 -10.18 2.15
CA VAL B 142 -35.47 -10.59 2.95
C VAL B 142 -35.76 -11.89 3.69
N ILE B 143 -34.76 -12.77 3.72
CA ILE B 143 -34.88 -14.07 4.39
C ILE B 143 -34.10 -14.10 5.70
N PHE B 144 -34.80 -14.30 6.81
CA PHE B 144 -34.14 -14.38 8.09
C PHE B 144 -33.82 -15.83 8.39
N ALA B 145 -32.54 -16.18 8.35
CA ALA B 145 -32.12 -17.55 8.61
C ALA B 145 -31.72 -17.72 10.08
N GLY B 146 -31.95 -18.91 10.63
CA GLY B 146 -31.62 -19.14 12.02
C GLY B 146 -31.81 -20.58 12.47
N ASP B 147 -31.76 -20.79 13.79
CA ASP B 147 -31.92 -22.12 14.38
C ASP B 147 -33.35 -22.46 14.79
N LYS B 148 -34.15 -21.44 15.07
CA LYS B 148 -35.55 -21.63 15.47
C LYS B 148 -36.24 -22.70 14.60
N PRO B 149 -37.10 -23.52 15.22
CA PRO B 149 -37.82 -24.57 14.50
C PRO B 149 -38.83 -24.00 13.51
N GLU B 150 -39.02 -22.69 13.59
CA GLU B 150 -39.95 -21.98 12.73
C GLU B 150 -39.20 -21.40 11.53
N GLN B 151 -37.91 -21.70 11.44
CA GLN B 151 -37.08 -21.21 10.34
C GLN B 151 -36.02 -22.19 9.87
N ASN B 152 -35.38 -21.87 8.76
CA ASN B 152 -34.33 -22.71 8.17
C ASN B 152 -32.97 -22.02 8.32
N THR B 153 -31.90 -22.79 8.19
CA THR B 153 -30.54 -22.26 8.31
C THR B 153 -30.09 -21.61 6.99
N LYS B 154 -28.99 -20.88 7.05
CA LYS B 154 -28.47 -20.22 5.86
C LYS B 154 -28.20 -21.22 4.74
N VAL B 155 -27.54 -22.33 5.08
CA VAL B 155 -27.25 -23.34 4.06
C VAL B 155 -28.54 -23.88 3.44
N GLN B 156 -29.55 -24.12 4.27
CA GLN B 156 -30.81 -24.64 3.77
C GLN B 156 -31.45 -23.68 2.74
N TRP B 157 -31.40 -22.39 3.03
CA TRP B 157 -31.98 -21.41 2.11
C TRP B 157 -31.21 -21.27 0.80
N LEU B 158 -29.89 -21.36 0.88
CA LEU B 158 -29.07 -21.25 -0.33
C LEU B 158 -29.44 -22.40 -1.25
N GLN B 159 -29.65 -23.58 -0.65
CA GLN B 159 -30.02 -24.76 -1.41
C GLN B 159 -31.45 -24.70 -1.92
N GLU B 160 -32.38 -24.30 -1.05
CA GLU B 160 -33.78 -24.25 -1.44
C GLU B 160 -34.01 -23.31 -2.63
N LYS B 161 -33.33 -22.17 -2.64
CA LYS B 161 -33.51 -21.20 -3.71
C LYS B 161 -32.52 -21.44 -4.85
N ASN B 162 -31.71 -22.49 -4.73
CA ASN B 162 -30.71 -22.82 -5.74
C ASN B 162 -29.85 -21.61 -6.12
N MET B 163 -29.39 -20.87 -5.11
CA MET B 163 -28.53 -19.72 -5.37
C MET B 163 -27.20 -20.25 -5.90
N ARG B 164 -26.67 -19.63 -6.95
CA ARG B 164 -25.41 -20.08 -7.54
C ARG B 164 -24.21 -19.29 -7.00
N ILE B 165 -24.45 -18.08 -6.51
CA ILE B 165 -23.40 -17.26 -5.94
C ILE B 165 -23.91 -16.65 -4.64
N PHE B 166 -23.02 -16.49 -3.67
CA PHE B 166 -23.40 -15.86 -2.40
C PHE B 166 -22.29 -14.87 -2.02
N TYR B 167 -22.67 -13.63 -1.76
CA TYR B 167 -21.72 -12.57 -1.38
C TYR B 167 -21.83 -12.27 0.12
N GLY B 168 -20.69 -12.09 0.79
CA GLY B 168 -20.72 -11.80 2.21
C GLY B 168 -19.38 -11.32 2.74
N ASP B 169 -19.38 -10.73 3.92
CA ASP B 169 -18.17 -10.20 4.55
C ASP B 169 -17.61 -11.09 5.66
N SER B 170 -18.44 -11.98 6.19
CA SER B 170 -18.05 -12.85 7.30
C SER B 170 -17.59 -14.22 6.85
N ASP B 171 -16.81 -14.89 7.71
CA ASP B 171 -16.34 -16.24 7.39
C ASP B 171 -17.49 -17.22 7.20
N ASN B 172 -18.52 -17.12 8.04
CA ASN B 172 -19.65 -18.04 7.93
C ASN B 172 -20.44 -17.84 6.65
N ASP B 173 -20.28 -16.70 6.00
CA ASP B 173 -20.98 -16.47 4.74
C ASP B 173 -20.28 -17.31 3.68
N ILE B 174 -18.95 -17.36 3.77
CA ILE B 174 -18.14 -18.09 2.81
C ILE B 174 -18.22 -19.60 3.02
N THR B 175 -18.14 -20.06 4.27
CA THR B 175 -18.22 -21.49 4.53
C THR B 175 -19.61 -22.05 4.19
N ALA B 176 -20.63 -21.20 4.27
CA ALA B 176 -21.99 -21.63 3.95
C ALA B 176 -22.02 -21.95 2.47
N ALA B 177 -21.41 -21.07 1.67
CA ALA B 177 -21.38 -21.27 0.23
C ALA B 177 -20.56 -22.52 -0.13
N ARG B 178 -19.44 -22.71 0.56
CA ARG B 178 -18.60 -23.88 0.33
C ARG B 178 -19.36 -25.16 0.64
N ASP B 179 -20.09 -25.15 1.76
CA ASP B 179 -20.87 -26.31 2.16
C ASP B 179 -21.92 -26.69 1.12
N CYS B 180 -22.44 -25.71 0.40
CA CYS B 180 -23.44 -25.97 -0.62
C CYS B 180 -22.78 -26.21 -1.96
N GLY B 181 -21.46 -26.07 -1.99
CA GLY B 181 -20.73 -26.26 -3.22
C GLY B 181 -20.94 -25.17 -4.24
N ILE B 182 -21.23 -23.95 -3.79
CA ILE B 182 -21.43 -22.84 -4.74
C ILE B 182 -20.35 -21.79 -4.58
N ARG B 183 -20.37 -20.79 -5.45
CA ARG B 183 -19.36 -19.75 -5.44
C ARG B 183 -19.55 -18.68 -4.37
N GLY B 184 -18.65 -18.68 -3.39
CA GLY B 184 -18.71 -17.71 -2.32
C GLY B 184 -17.72 -16.59 -2.62
N ILE B 185 -18.19 -15.35 -2.57
CA ILE B 185 -17.34 -14.20 -2.86
C ILE B 185 -17.31 -13.23 -1.69
N ARG B 186 -16.10 -12.86 -1.27
CA ARG B 186 -15.93 -11.98 -0.12
C ARG B 186 -15.97 -10.47 -0.40
N ILE B 187 -16.67 -9.77 0.48
CA ILE B 187 -16.81 -8.32 0.45
C ILE B 187 -16.03 -7.85 1.67
N LEU B 188 -15.24 -6.79 1.52
CA LEU B 188 -14.47 -6.25 2.66
C LEU B 188 -15.35 -5.48 3.64
N ARG B 189 -15.19 -5.76 4.94
CA ARG B 189 -15.94 -5.04 5.98
C ARG B 189 -15.22 -3.71 6.26
N ALA B 190 -15.95 -2.61 6.30
CA ALA B 190 -15.35 -1.30 6.55
C ALA B 190 -14.62 -1.25 7.88
N ALA B 191 -13.54 -0.49 7.91
CA ALA B 191 -12.73 -0.32 9.11
C ALA B 191 -13.49 0.36 10.25
N ASN B 192 -14.48 1.19 9.91
CA ASN B 192 -15.24 1.85 10.97
C ASN B 192 -16.50 1.08 11.40
N SER B 193 -16.63 -0.16 10.95
CA SER B 193 -17.76 -0.96 11.38
C SER B 193 -17.58 -1.24 12.88
N THR B 194 -18.68 -1.38 13.61
CA THR B 194 -18.58 -1.63 15.05
C THR B 194 -18.50 -3.13 15.31
N TYR B 195 -18.54 -3.91 14.24
CA TYR B 195 -18.44 -5.36 14.36
C TYR B 195 -16.96 -5.73 14.16
N LYS B 196 -16.25 -5.87 15.27
CA LYS B 196 -14.84 -6.21 15.22
C LYS B 196 -14.47 -7.39 16.10
N PRO B 197 -13.27 -7.98 15.90
CA PRO B 197 -12.24 -7.62 14.91
C PRO B 197 -12.70 -7.85 13.47
N LEU B 198 -12.06 -7.17 12.53
CA LEU B 198 -12.36 -7.35 11.11
C LEU B 198 -11.96 -8.77 10.73
N PRO B 199 -12.69 -9.40 9.80
CA PRO B 199 -12.27 -10.75 9.46
C PRO B 199 -11.14 -10.75 8.43
N GLN B 200 -10.51 -11.91 8.26
CA GLN B 200 -9.42 -12.05 7.30
C GLN B 200 -9.97 -12.48 5.95
N ALA B 201 -10.24 -11.51 5.10
CA ALA B 201 -10.77 -11.79 3.78
C ALA B 201 -9.74 -12.61 2.99
N GLY B 202 -10.20 -13.68 2.36
CA GLY B 202 -9.31 -14.53 1.58
C GLY B 202 -8.78 -15.71 2.38
N ALA B 203 -9.26 -15.86 3.62
CA ALA B 203 -8.82 -16.94 4.50
C ALA B 203 -9.20 -18.34 4.06
N PHE B 204 -10.07 -18.44 3.07
CA PHE B 204 -10.49 -19.74 2.57
C PHE B 204 -10.11 -19.92 1.10
N GLY B 205 -9.25 -19.03 0.61
CA GLY B 205 -8.83 -19.10 -0.77
C GLY B 205 -9.88 -18.57 -1.71
N GLU B 206 -10.90 -17.92 -1.16
CA GLU B 206 -11.98 -17.39 -1.97
C GLU B 206 -11.63 -16.08 -2.65
N GLU B 207 -12.38 -15.74 -3.69
CA GLU B 207 -12.23 -14.50 -4.43
C GLU B 207 -12.67 -13.34 -3.50
N VAL B 208 -11.94 -12.22 -3.54
CA VAL B 208 -12.27 -11.07 -2.72
C VAL B 208 -12.44 -9.87 -3.65
N ILE B 209 -13.55 -9.15 -3.53
CA ILE B 209 -13.77 -8.01 -4.42
C ILE B 209 -12.94 -6.81 -3.99
N VAL B 210 -12.16 -6.27 -4.92
CA VAL B 210 -11.31 -5.11 -4.65
C VAL B 210 -12.14 -3.88 -4.32
N ASN B 211 -11.64 -3.05 -3.40
CA ASN B 211 -12.27 -1.80 -3.02
C ASN B 211 -13.72 -1.92 -2.58
N SER B 212 -14.07 -3.06 -1.97
CA SER B 212 -15.45 -3.27 -1.54
C SER B 212 -15.77 -2.84 -0.11
N GLU B 213 -14.87 -2.06 0.50
CA GLU B 213 -15.10 -1.59 1.86
C GLU B 213 -16.14 -0.46 1.88
N TYR B 214 -16.44 0.13 0.73
CA TYR B 214 -17.43 1.21 0.69
C TYR B 214 -18.41 1.10 -0.48
N THR C 7 -0.23 -21.36 8.28
CA THR C 7 -1.52 -21.18 7.55
C THR C 7 -1.28 -20.80 6.08
N LEU C 8 -1.92 -21.52 5.17
CA LEU C 8 -1.79 -21.29 3.73
C LEU C 8 -2.46 -20.00 3.26
N ASN C 9 -3.56 -19.63 3.92
CA ASN C 9 -4.31 -18.45 3.53
C ASN C 9 -4.50 -17.48 4.67
N PRO C 10 -3.51 -16.63 4.94
CA PRO C 10 -3.61 -15.65 6.03
C PRO C 10 -4.64 -14.55 5.80
N GLY C 11 -4.98 -14.29 4.54
CA GLY C 11 -5.95 -13.26 4.21
C GLY C 11 -5.50 -11.86 4.61
N THR C 12 -6.41 -10.89 4.60
CA THR C 12 -6.07 -9.54 4.98
C THR C 12 -7.37 -8.78 5.26
N ASN C 13 -7.26 -7.52 5.64
CA ASN C 13 -8.45 -6.71 5.89
C ASN C 13 -8.12 -5.28 5.51
N VAL C 14 -9.15 -4.45 5.32
CA VAL C 14 -8.92 -3.08 4.88
C VAL C 14 -8.12 -2.20 5.84
N ALA C 15 -8.15 -2.49 7.14
CA ALA C 15 -7.38 -1.69 8.08
C ALA C 15 -5.89 -1.94 7.79
N LYS C 16 -5.55 -3.19 7.51
CA LYS C 16 -4.16 -3.54 7.20
C LYS C 16 -3.76 -2.98 5.83
N LEU C 17 -4.68 -3.00 4.87
CA LEU C 17 -4.38 -2.50 3.54
C LEU C 17 -4.08 -1.00 3.50
N ALA C 18 -4.76 -0.23 4.35
CA ALA C 18 -4.55 1.22 4.36
C ALA C 18 -3.61 1.70 5.47
N GLU C 19 -3.09 0.79 6.27
CA GLU C 19 -2.21 1.17 7.37
C GLU C 19 -0.96 1.90 6.86
N GLN C 20 -0.64 3.02 7.49
CA GLN C 20 0.53 3.83 7.12
C GLN C 20 1.49 3.99 8.29
N ALA C 21 2.80 3.94 7.99
CA ALA C 21 3.79 4.15 9.04
C ALA C 21 3.93 5.66 9.16
N PRO C 22 4.14 6.16 10.39
CA PRO C 22 4.27 7.61 10.55
C PRO C 22 5.65 8.12 10.12
N VAL C 23 5.79 8.30 8.81
CA VAL C 23 7.02 8.75 8.16
C VAL C 23 6.82 10.06 7.42
N HIS C 24 7.81 10.95 7.50
CA HIS C 24 7.73 12.22 6.81
C HIS C 24 8.32 12.07 5.39
N TRP C 25 7.45 11.76 4.43
CA TRP C 25 7.82 11.60 3.02
C TRP C 25 7.93 12.94 2.30
N VAL C 26 8.88 13.03 1.39
CA VAL C 26 9.07 14.25 0.59
C VAL C 26 9.44 13.86 -0.82
N SER C 27 9.27 14.78 -1.76
CA SER C 27 9.61 14.55 -3.14
C SER C 27 10.77 15.49 -3.49
N VAL C 28 11.43 15.25 -4.62
CA VAL C 28 12.53 16.10 -5.02
C VAL C 28 11.99 17.52 -5.26
N ALA C 29 10.81 17.62 -5.89
CA ALA C 29 10.21 18.92 -6.16
C ALA C 29 9.98 19.71 -4.87
N GLN C 30 9.56 19.04 -3.81
CA GLN C 30 9.34 19.72 -2.55
C GLN C 30 10.68 20.18 -1.95
N ILE C 31 11.71 19.36 -2.09
CA ILE C 31 13.02 19.73 -1.58
C ILE C 31 13.49 20.96 -2.35
N GLU C 32 13.36 20.93 -3.67
CA GLU C 32 13.78 22.06 -4.48
C GLU C 32 13.02 23.33 -4.08
N ASN C 33 11.71 23.19 -3.90
CA ASN C 33 10.89 24.33 -3.52
C ASN C 33 11.34 24.89 -2.17
N SER C 34 11.78 24.01 -1.27
CA SER C 34 12.22 24.45 0.05
C SER C 34 13.54 25.21 0.02
N LEU C 35 14.25 25.16 -1.10
CA LEU C 35 15.54 25.84 -1.22
C LEU C 35 15.47 27.10 -2.09
N THR C 36 14.28 27.43 -2.58
CA THR C 36 14.10 28.60 -3.43
C THR C 36 14.67 29.86 -2.78
N GLY C 37 15.44 30.63 -3.55
CA GLY C 37 16.02 31.85 -3.03
C GLY C 37 17.30 31.67 -2.23
N ARG C 38 17.67 30.43 -1.95
CA ARG C 38 18.90 30.17 -1.21
C ARG C 38 20.11 30.15 -2.12
N PRO C 39 21.20 30.81 -1.70
CA PRO C 39 22.42 30.87 -2.51
C PRO C 39 23.08 29.49 -2.63
N PRO C 40 23.87 29.28 -3.69
CA PRO C 40 24.52 27.98 -3.86
C PRO C 40 25.24 27.59 -2.58
N MET C 41 25.21 26.31 -2.27
CA MET C 41 25.84 25.79 -1.06
C MET C 41 26.44 24.42 -1.35
N ALA C 42 27.07 23.85 -0.33
CA ALA C 42 27.67 22.53 -0.46
C ALA C 42 26.70 21.49 0.08
N VAL C 43 26.54 20.39 -0.67
CA VAL C 43 25.67 19.31 -0.23
C VAL C 43 26.42 18.01 -0.48
N GLY C 44 26.16 16.99 0.35
CA GLY C 44 26.85 15.73 0.18
C GLY C 44 25.94 14.53 0.02
N PHE C 45 26.49 13.48 -0.62
CA PHE C 45 25.77 12.23 -0.85
C PHE C 45 26.61 11.03 -0.44
N ASP C 46 25.95 10.03 0.14
CA ASP C 46 26.59 8.77 0.48
C ASP C 46 26.65 8.16 -0.92
N ILE C 47 27.42 7.10 -1.12
CA ILE C 47 27.47 6.52 -2.45
C ILE C 47 26.65 5.24 -2.60
N ASP C 48 27.04 4.22 -1.86
CA ASP C 48 26.38 2.92 -1.96
C ASP C 48 24.93 2.87 -1.45
N ASP C 49 24.05 2.48 -2.38
CA ASP C 49 22.60 2.39 -2.19
C ASP C 49 21.95 3.77 -2.05
N THR C 50 22.72 4.80 -2.32
CA THR C 50 22.22 6.16 -2.30
C THR C 50 22.20 6.67 -3.73
N VAL C 51 23.36 6.68 -4.41
CA VAL C 51 23.40 7.13 -5.80
C VAL C 51 23.70 5.95 -6.72
N LEU C 52 24.27 4.89 -6.16
CA LEU C 52 24.62 3.69 -6.94
C LEU C 52 24.14 2.39 -6.30
N PHE C 53 23.63 1.49 -7.13
CA PHE C 53 23.25 0.17 -6.64
C PHE C 53 24.52 -0.61 -6.96
N SER C 54 25.44 -0.66 -5.99
CA SER C 54 26.73 -1.33 -6.13
C SER C 54 26.79 -2.77 -5.62
N SER C 55 25.67 -3.31 -5.19
CA SER C 55 25.63 -4.68 -4.70
C SER C 55 26.28 -5.71 -5.63
N PRO C 56 26.28 -5.45 -6.96
CA PRO C 56 26.90 -6.43 -7.86
C PRO C 56 28.37 -6.70 -7.51
N GLY C 57 29.13 -5.63 -7.30
CA GLY C 57 30.53 -5.76 -6.94
C GLY C 57 30.76 -6.33 -5.56
N PHE C 58 29.96 -5.91 -4.58
CA PHE C 58 30.11 -6.43 -3.23
C PHE C 58 29.74 -7.91 -3.19
N TRP C 59 28.77 -8.30 -4.02
CA TRP C 59 28.33 -9.69 -4.10
C TRP C 59 29.46 -10.54 -4.65
N ARG C 60 30.03 -10.11 -5.76
CA ARG C 60 31.13 -10.85 -6.37
C ARG C 60 32.33 -10.88 -5.42
N GLY C 61 32.55 -9.76 -4.73
CA GLY C 61 33.65 -9.69 -3.80
C GLY C 61 33.54 -10.72 -2.69
N LYS C 62 32.33 -10.84 -2.12
CA LYS C 62 32.13 -11.82 -1.06
C LYS C 62 32.28 -13.24 -1.56
N LYS C 63 31.76 -13.52 -2.75
CA LYS C 63 31.86 -14.86 -3.32
C LYS C 63 33.31 -15.21 -3.63
N THR C 64 34.09 -14.21 -3.98
CA THR C 64 35.49 -14.39 -4.33
C THR C 64 36.44 -14.50 -3.14
N TYR C 65 36.35 -13.55 -2.21
CA TYR C 65 37.26 -13.52 -1.07
C TYR C 65 36.83 -14.08 0.29
N SER C 66 35.53 -14.19 0.54
CA SER C 66 35.09 -14.74 1.84
C SER C 66 33.65 -15.18 1.77
N PRO C 67 33.40 -16.27 1.02
CA PRO C 67 32.07 -16.86 0.80
C PRO C 67 31.20 -17.03 2.04
N ASP C 68 31.82 -17.35 3.17
CA ASP C 68 31.08 -17.59 4.39
C ASP C 68 31.05 -16.43 5.37
N SER C 69 31.71 -15.32 5.03
CA SER C 69 31.73 -14.17 5.94
C SER C 69 31.89 -12.84 5.24
N ASP C 70 32.07 -11.78 6.02
CA ASP C 70 32.23 -10.44 5.47
C ASP C 70 33.66 -9.95 5.58
N ASP C 71 34.59 -10.89 5.69
CA ASP C 71 36.00 -10.55 5.79
C ASP C 71 36.49 -9.85 4.53
N TYR C 72 35.81 -10.09 3.41
CA TYR C 72 36.23 -9.45 2.16
C TYR C 72 36.27 -7.95 2.33
N LEU C 73 35.49 -7.44 3.27
CA LEU C 73 35.47 -6.00 3.54
C LEU C 73 36.80 -5.52 4.12
N LYS C 74 37.60 -6.48 4.58
CA LYS C 74 38.91 -6.19 5.17
C LYS C 74 40.04 -6.54 4.21
N ASN C 75 39.69 -7.11 3.07
CA ASN C 75 40.66 -7.54 2.06
C ASN C 75 41.06 -6.42 1.09
N PRO C 76 42.28 -5.89 1.24
CA PRO C 76 42.72 -4.81 0.34
C PRO C 76 42.64 -5.22 -1.13
N ALA C 77 42.69 -6.53 -1.38
CA ALA C 77 42.61 -7.04 -2.74
C ALA C 77 41.22 -6.72 -3.29
N PHE C 78 40.21 -6.89 -2.45
CA PHE C 78 38.84 -6.60 -2.87
C PHE C 78 38.68 -5.13 -3.23
N TRP C 79 39.08 -4.24 -2.34
CA TRP C 79 38.94 -2.82 -2.58
C TRP C 79 39.65 -2.31 -3.82
N GLU C 80 40.77 -2.95 -4.18
CA GLU C 80 41.49 -2.55 -5.38
C GLU C 80 40.58 -2.75 -6.59
N LYS C 81 39.87 -3.87 -6.61
CA LYS C 81 38.96 -4.22 -7.70
C LYS C 81 37.70 -3.34 -7.66
N MET C 82 37.12 -3.24 -6.46
CA MET C 82 35.89 -2.47 -6.24
C MET C 82 36.02 -0.99 -6.61
N ASN C 83 37.09 -0.34 -6.16
CA ASN C 83 37.28 1.08 -6.44
C ASN C 83 37.92 1.41 -7.77
N ASN C 84 38.26 0.39 -8.56
CA ASN C 84 38.91 0.66 -9.83
C ASN C 84 38.30 0.04 -11.07
N GLY C 85 37.02 -0.30 -11.03
CA GLY C 85 36.42 -0.86 -12.23
C GLY C 85 35.11 -1.59 -12.05
N TRP C 86 34.89 -2.19 -10.88
CA TRP C 86 33.67 -2.94 -10.66
C TRP C 86 32.39 -2.10 -10.59
N ASP C 87 32.54 -0.78 -10.48
CA ASP C 87 31.36 0.09 -10.46
C ASP C 87 30.83 0.28 -11.88
N GLU C 88 31.50 -0.36 -12.86
CA GLU C 88 31.02 -0.29 -14.23
C GLU C 88 29.81 -1.22 -14.28
N PHE C 89 29.64 -2.00 -13.23
CA PHE C 89 28.53 -2.93 -13.11
C PHE C 89 27.49 -2.38 -12.13
N SER C 90 27.77 -1.20 -11.57
CA SER C 90 26.87 -0.55 -10.63
C SER C 90 25.77 0.19 -11.41
N ILE C 91 24.55 0.09 -10.91
CA ILE C 91 23.42 0.75 -11.58
C ILE C 91 23.11 2.08 -10.90
N PRO C 92 23.16 3.19 -11.66
CA PRO C 92 22.86 4.52 -11.09
C PRO C 92 21.38 4.56 -10.67
N LYS C 93 21.07 5.31 -9.62
CA LYS C 93 19.69 5.42 -9.15
C LYS C 93 18.99 6.62 -9.77
N GLU C 94 17.76 6.43 -10.23
CA GLU C 94 17.00 7.51 -10.84
C GLU C 94 16.76 8.64 -9.86
N ALA C 95 16.46 8.28 -8.61
CA ALA C 95 16.23 9.28 -7.57
C ALA C 95 17.47 10.17 -7.42
N ALA C 96 18.65 9.57 -7.47
CA ALA C 96 19.90 10.34 -7.33
C ALA C 96 20.06 11.27 -8.53
N ARG C 97 19.75 10.74 -9.70
CA ARG C 97 19.84 11.51 -10.93
C ARG C 97 19.03 12.81 -10.80
N GLN C 98 17.79 12.68 -10.33
CA GLN C 98 16.90 13.82 -10.14
C GLN C 98 17.48 14.81 -9.12
N LEU C 99 17.96 14.29 -8.00
CA LEU C 99 18.55 15.13 -6.96
C LEU C 99 19.80 15.84 -7.45
N ILE C 100 20.68 15.12 -8.13
CA ILE C 100 21.90 15.73 -8.64
C ILE C 100 21.60 16.80 -9.68
N ASP C 101 20.69 16.53 -10.62
CA ASP C 101 20.34 17.52 -11.63
C ASP C 101 19.82 18.79 -10.95
N MET C 102 19.00 18.61 -9.93
CA MET C 102 18.43 19.74 -9.20
C MET C 102 19.52 20.59 -8.55
N HIS C 103 20.48 19.94 -7.89
CA HIS C 103 21.55 20.69 -7.26
C HIS C 103 22.46 21.37 -8.27
N VAL C 104 22.71 20.70 -9.40
CA VAL C 104 23.55 21.30 -10.43
C VAL C 104 22.86 22.56 -10.96
N ARG C 105 21.54 22.49 -11.19
CA ARG C 105 20.80 23.66 -11.68
C ARG C 105 20.92 24.83 -10.72
N ARG C 106 20.95 24.53 -9.42
CA ARG C 106 21.06 25.56 -8.39
C ARG C 106 22.47 26.14 -8.34
N GLY C 107 23.43 25.38 -8.88
CA GLY C 107 24.81 25.81 -8.85
C GLY C 107 25.49 25.34 -7.57
N ASP C 108 24.88 24.39 -6.87
CA ASP C 108 25.45 23.89 -5.63
C ASP C 108 26.74 23.10 -5.88
N SER C 109 27.51 22.93 -4.81
CA SER C 109 28.77 22.19 -4.88
C SER C 109 28.50 20.79 -4.36
N ILE C 110 28.66 19.80 -5.23
CA ILE C 110 28.40 18.41 -4.87
C ILE C 110 29.58 17.58 -4.37
N TYR C 111 29.41 16.97 -3.21
CA TYR C 111 30.44 16.10 -2.61
C TYR C 111 29.90 14.70 -2.37
N PHE C 112 30.77 13.70 -2.55
CA PHE C 112 30.42 12.32 -2.31
C PHE C 112 31.31 11.81 -1.19
N VAL C 113 30.70 11.34 -0.11
CA VAL C 113 31.45 10.84 1.04
C VAL C 113 31.15 9.37 1.22
N THR C 114 32.18 8.55 1.25
CA THR C 114 31.97 7.11 1.37
C THR C 114 32.79 6.44 2.47
N GLY C 115 32.24 5.35 3.00
CA GLY C 115 32.91 4.58 4.03
C GLY C 115 33.69 3.42 3.41
N ARG C 116 33.82 3.40 2.09
CA ARG C 116 34.59 2.35 1.40
C ARG C 116 36.05 2.56 1.80
N SER C 117 36.85 1.49 1.82
CA SER C 117 38.25 1.63 2.17
C SER C 117 38.97 2.42 1.08
N GLN C 118 39.91 3.27 1.50
CA GLN C 118 40.65 4.08 0.56
C GLN C 118 41.71 3.24 -0.15
N THR C 119 41.97 3.57 -1.41
CA THR C 119 42.96 2.85 -2.21
C THR C 119 43.82 3.89 -2.91
N LYS C 120 45.04 3.51 -3.29
CA LYS C 120 45.95 4.43 -3.96
C LYS C 120 45.34 5.14 -5.16
N THR C 121 44.54 4.40 -5.93
CA THR C 121 43.88 5.00 -7.09
C THR C 121 42.39 4.62 -7.05
N GLU C 122 41.57 5.36 -7.78
CA GLU C 122 40.14 5.07 -7.84
C GLU C 122 39.51 5.69 -9.07
N THR C 123 38.56 4.98 -9.66
CA THR C 123 37.88 5.45 -10.85
C THR C 123 36.41 5.76 -10.55
N VAL C 124 36.06 5.70 -9.26
CA VAL C 124 34.70 5.98 -8.81
C VAL C 124 34.27 7.41 -9.14
N SER C 125 35.13 8.38 -8.84
CA SER C 125 34.82 9.79 -9.11
C SER C 125 34.47 9.95 -10.58
N LYS C 126 35.22 9.27 -11.44
CA LYS C 126 34.99 9.36 -12.87
C LYS C 126 33.64 8.74 -13.26
N THR C 127 33.35 7.57 -12.71
CA THR C 127 32.10 6.88 -13.01
C THR C 127 30.90 7.74 -12.60
N LEU C 128 31.02 8.42 -11.47
CA LEU C 128 29.97 9.29 -10.96
C LEU C 128 29.77 10.52 -11.86
N ALA C 129 30.85 11.23 -12.17
CA ALA C 129 30.75 12.40 -13.01
C ALA C 129 30.20 12.02 -14.39
N ASP C 130 30.59 10.85 -14.88
CA ASP C 130 30.12 10.42 -16.20
C ASP C 130 28.64 9.99 -16.21
N ASN C 131 28.27 9.12 -15.29
CA ASN C 131 26.88 8.65 -15.25
C ASN C 131 25.87 9.74 -14.93
N PHE C 132 26.26 10.73 -14.14
CA PHE C 132 25.34 11.80 -13.77
C PHE C 132 25.53 13.12 -14.49
N HIS C 133 26.44 13.13 -15.45
CA HIS C 133 26.74 14.32 -16.23
C HIS C 133 26.95 15.54 -15.34
N ILE C 134 27.85 15.40 -14.36
CA ILE C 134 28.14 16.49 -13.44
C ILE C 134 29.24 17.40 -13.99
N PRO C 135 28.94 18.70 -14.18
CA PRO C 135 29.95 19.63 -14.70
C PRO C 135 31.15 19.71 -13.76
N ALA C 136 32.32 20.00 -14.32
CA ALA C 136 33.52 20.09 -13.51
C ALA C 136 33.36 21.14 -12.41
N ALA C 137 32.62 22.19 -12.71
CA ALA C 137 32.40 23.27 -11.75
C ALA C 137 31.69 22.82 -10.48
N ASN C 138 30.85 21.80 -10.59
CA ASN C 138 30.10 21.31 -9.44
C ASN C 138 30.66 20.02 -8.85
N MET C 139 31.48 19.32 -9.64
CA MET C 139 32.06 18.04 -9.23
C MET C 139 33.26 18.15 -8.29
N ASN C 140 33.37 17.22 -7.36
CA ASN C 140 34.47 17.16 -6.40
C ASN C 140 34.87 15.70 -6.23
N PRO C 141 36.19 15.41 -6.17
CA PRO C 141 36.69 14.03 -6.02
C PRO C 141 36.08 13.34 -4.81
N VAL C 142 35.72 12.07 -4.98
CA VAL C 142 35.13 11.30 -3.88
C VAL C 142 35.98 11.41 -2.64
N ILE C 143 35.31 11.53 -1.48
CA ILE C 143 35.99 11.61 -0.20
C ILE C 143 35.84 10.27 0.52
N PHE C 144 36.95 9.65 0.89
CA PHE C 144 36.91 8.38 1.61
C PHE C 144 37.12 8.67 3.09
N ALA C 145 36.10 8.37 3.91
CA ALA C 145 36.18 8.63 5.33
C ALA C 145 36.40 7.34 6.13
N GLY C 146 36.90 7.50 7.35
CA GLY C 146 37.15 6.35 8.21
C GLY C 146 37.82 6.70 9.52
N ASP C 147 38.16 5.69 10.31
CA ASP C 147 38.80 5.87 11.61
C ASP C 147 40.32 5.89 11.58
N LYS C 148 40.90 5.79 10.38
CA LYS C 148 42.35 5.80 10.25
C LYS C 148 42.93 7.15 10.67
N PRO C 149 44.21 7.17 11.09
CA PRO C 149 44.88 8.40 11.53
C PRO C 149 45.12 9.36 10.37
N GLU C 150 45.17 8.80 9.17
CA GLU C 150 45.41 9.58 7.96
C GLU C 150 44.10 10.03 7.31
N GLN C 151 42.98 9.75 7.97
CA GLN C 151 41.67 10.12 7.44
C GLN C 151 40.71 10.63 8.52
N ASN C 152 39.85 11.55 8.12
CA ASN C 152 38.86 12.14 9.02
C ASN C 152 37.56 11.34 8.93
N THR C 153 36.76 11.39 9.99
CA THR C 153 35.49 10.67 10.02
C THR C 153 34.44 11.40 9.17
N LYS C 154 33.30 10.74 9.00
CA LYS C 154 32.21 11.32 8.21
C LYS C 154 31.80 12.71 8.73
N VAL C 155 31.56 12.81 10.03
CA VAL C 155 31.18 14.08 10.65
C VAL C 155 32.16 15.20 10.33
N GLN C 156 33.44 14.96 10.61
CA GLN C 156 34.47 15.96 10.35
C GLN C 156 34.45 16.47 8.90
N TRP C 157 34.19 15.57 7.96
CA TRP C 157 34.15 15.98 6.56
C TRP C 157 32.94 16.86 6.24
N LEU C 158 31.82 16.60 6.88
CA LEU C 158 30.63 17.40 6.66
C LEU C 158 30.86 18.82 7.19
N GLN C 159 31.53 18.92 8.34
CA GLN C 159 31.81 20.24 8.92
C GLN C 159 32.84 21.01 8.12
N GLU C 160 33.92 20.34 7.74
CA GLU C 160 34.99 20.98 6.99
C GLU C 160 34.53 21.59 5.67
N LYS C 161 33.64 20.91 4.95
CA LYS C 161 33.14 21.43 3.68
C LYS C 161 31.90 22.26 3.88
N ASN C 162 31.41 22.30 5.12
CA ASN C 162 30.21 23.06 5.46
C ASN C 162 29.03 22.60 4.61
N MET C 163 28.84 21.29 4.55
CA MET C 163 27.74 20.71 3.80
C MET C 163 26.46 21.04 4.57
N ARG C 164 25.46 21.55 3.87
CA ARG C 164 24.19 21.93 4.51
C ARG C 164 23.11 20.83 4.42
N ILE C 165 23.29 19.91 3.49
CA ILE C 165 22.37 18.79 3.34
C ILE C 165 23.19 17.54 3.08
N PHE C 166 22.79 16.41 3.68
CA PHE C 166 23.49 15.15 3.43
C PHE C 166 22.46 14.07 3.13
N TYR C 167 22.63 13.39 1.99
CA TYR C 167 21.71 12.33 1.57
C TYR C 167 22.32 10.94 1.79
N GLY C 168 21.56 10.03 2.39
CA GLY C 168 22.06 8.69 2.63
C GLY C 168 20.96 7.68 2.93
N ASP C 169 21.30 6.40 2.80
CA ASP C 169 20.34 5.33 3.03
C ASP C 169 20.50 4.66 4.40
N SER C 170 21.64 4.89 5.05
CA SER C 170 21.93 4.27 6.32
C SER C 170 21.71 5.16 7.53
N ASP C 171 21.51 4.53 8.68
CA ASP C 171 21.30 5.26 9.92
C ASP C 171 22.48 6.18 10.23
N ASN C 172 23.71 5.73 9.99
CA ASN C 172 24.86 6.57 10.31
C ASN C 172 24.97 7.78 9.38
N ASP C 173 24.35 7.72 8.21
CA ASP C 173 24.37 8.87 7.32
C ASP C 173 23.50 9.95 7.96
N ILE C 174 22.36 9.54 8.51
CA ILE C 174 21.42 10.47 9.13
C ILE C 174 21.91 11.02 10.47
N THR C 175 22.51 10.17 11.31
CA THR C 175 23.00 10.63 12.60
C THR C 175 24.21 11.57 12.44
N ALA C 176 24.98 11.37 11.38
CA ALA C 176 26.13 12.24 11.12
C ALA C 176 25.58 13.65 10.86
N ALA C 177 24.55 13.72 10.01
CA ALA C 177 23.92 14.99 9.69
C ALA C 177 23.38 15.60 10.98
N ARG C 178 22.69 14.78 11.76
CA ARG C 178 22.12 15.21 13.02
C ARG C 178 23.22 15.79 13.92
N ASP C 179 24.34 15.09 14.02
CA ASP C 179 25.45 15.56 14.86
C ASP C 179 26.07 16.87 14.41
N CYS C 180 25.89 17.22 13.13
CA CYS C 180 26.44 18.46 12.60
C CYS C 180 25.42 19.58 12.56
N GLY C 181 24.19 19.26 12.96
CA GLY C 181 23.14 20.27 12.93
C GLY C 181 22.67 20.63 11.53
N ILE C 182 22.84 19.73 10.57
CA ILE C 182 22.40 20.02 9.22
C ILE C 182 21.21 19.12 8.84
N ARG C 183 20.71 19.26 7.62
CA ARG C 183 19.55 18.51 7.16
C ARG C 183 19.91 17.15 6.57
N GLY C 184 19.54 16.09 7.27
CA GLY C 184 19.80 14.74 6.78
C GLY C 184 18.55 14.20 6.11
N ILE C 185 18.68 13.77 4.86
CA ILE C 185 17.54 13.25 4.09
C ILE C 185 17.81 11.80 3.65
N ARG C 186 16.90 10.91 4.04
CA ARG C 186 17.00 9.49 3.74
C ARG C 186 16.57 9.03 2.34
N ILE C 187 17.34 8.09 1.79
CA ILE C 187 17.07 7.49 0.48
C ILE C 187 16.77 6.03 0.82
N LEU C 188 15.77 5.43 0.15
CA LEU C 188 15.41 4.04 0.40
C LEU C 188 16.42 3.08 -0.22
N ARG C 189 16.82 2.06 0.54
CA ARG C 189 17.73 1.02 0.03
C ARG C 189 16.89 -0.04 -0.69
N ALA C 190 17.29 -0.40 -1.91
CA ALA C 190 16.54 -1.39 -2.70
C ALA C 190 16.39 -2.72 -1.97
N ALA C 191 15.26 -3.40 -2.19
CA ALA C 191 15.00 -4.69 -1.54
C ALA C 191 15.95 -5.81 -1.98
N ASN C 192 16.55 -5.68 -3.17
CA ASN C 192 17.47 -6.70 -3.66
C ASN C 192 18.93 -6.36 -3.37
N SER C 193 19.17 -5.37 -2.52
CA SER C 193 20.53 -4.99 -2.13
C SER C 193 21.05 -6.16 -1.30
N THR C 194 22.35 -6.44 -1.38
CA THR C 194 22.90 -7.56 -0.60
C THR C 194 23.28 -7.11 0.81
N TYR C 195 23.17 -5.81 1.06
CA TYR C 195 23.49 -5.27 2.38
C TYR C 195 22.18 -5.31 3.20
N LYS C 196 22.01 -6.40 3.96
CA LYS C 196 20.81 -6.61 4.77
C LYS C 196 21.13 -6.69 6.27
N PRO C 197 20.12 -6.45 7.13
CA PRO C 197 18.74 -6.12 6.78
C PRO C 197 18.57 -4.68 6.33
N LEU C 198 17.45 -4.39 5.67
CA LEU C 198 17.19 -3.03 5.22
C LEU C 198 17.00 -2.15 6.45
N PRO C 199 17.42 -0.88 6.37
CA PRO C 199 17.28 0.04 7.51
C PRO C 199 15.83 0.54 7.58
N GLN C 200 15.45 1.07 8.74
CA GLN C 200 14.10 1.61 8.92
C GLN C 200 14.14 3.08 8.59
N ALA C 201 13.84 3.42 7.33
CA ALA C 201 13.82 4.82 6.90
C ALA C 201 12.79 5.56 7.75
N GLY C 202 13.17 6.72 8.26
CA GLY C 202 12.28 7.51 9.11
C GLY C 202 12.46 7.24 10.60
N ALA C 203 13.40 6.36 10.92
CA ALA C 203 13.65 5.98 12.32
C ALA C 203 14.12 7.12 13.23
N PHE C 204 14.52 8.25 12.64
CA PHE C 204 14.97 9.39 13.43
C PHE C 204 14.06 10.60 13.20
N GLY C 205 12.91 10.35 12.58
CA GLY C 205 11.97 11.42 12.30
C GLY C 205 12.44 12.26 11.13
N GLU C 206 13.40 11.75 10.36
CA GLU C 206 13.93 12.50 9.23
C GLU C 206 13.04 12.40 7.98
N GLU C 207 13.28 13.28 7.03
CA GLU C 207 12.55 13.29 5.76
C GLU C 207 13.06 12.10 4.93
N VAL C 208 12.15 11.43 4.22
CA VAL C 208 12.49 10.28 3.38
C VAL C 208 11.95 10.55 1.98
N ILE C 209 12.79 10.41 0.97
CA ILE C 209 12.36 10.67 -0.40
C ILE C 209 11.55 9.52 -0.98
N VAL C 210 10.36 9.84 -1.48
CA VAL C 210 9.49 8.84 -2.08
C VAL C 210 10.11 8.15 -3.30
N ASN C 211 9.70 6.90 -3.52
CA ASN C 211 10.13 6.12 -4.67
C ASN C 211 11.63 6.19 -4.93
N SER C 212 12.44 6.29 -3.89
CA SER C 212 13.87 6.41 -4.07
C SER C 212 14.63 5.09 -3.99
N GLU C 213 13.92 3.98 -4.12
CA GLU C 213 14.55 2.67 -4.08
C GLU C 213 15.19 2.33 -5.44
N TYR C 214 14.93 3.17 -6.45
CA TYR C 214 15.48 2.94 -7.78
C TYR C 214 15.86 4.23 -8.48
N PRO D 5 2.44 14.77 -11.41
CA PRO D 5 3.84 15.05 -11.82
C PRO D 5 4.18 16.53 -11.71
N SER D 6 3.18 17.39 -11.87
CA SER D 6 3.37 18.83 -11.82
C SER D 6 2.73 19.44 -10.58
N THR D 7 2.26 18.58 -9.68
CA THR D 7 1.62 19.02 -8.45
C THR D 7 2.58 18.91 -7.27
N LEU D 8 2.89 20.05 -6.66
CA LEU D 8 3.83 20.08 -5.52
C LEU D 8 3.39 19.25 -4.33
N ASN D 9 2.15 19.46 -3.88
CA ASN D 9 1.59 18.73 -2.73
C ASN D 9 0.30 18.04 -3.19
N PRO D 10 0.43 16.87 -3.85
CA PRO D 10 -0.75 16.14 -4.33
C PRO D 10 -1.65 15.54 -3.25
N GLY D 11 -1.08 15.28 -2.08
CA GLY D 11 -1.86 14.68 -1.00
C GLY D 11 -2.33 13.29 -1.38
N THR D 12 -3.23 12.72 -0.58
CA THR D 12 -3.76 11.39 -0.85
C THR D 12 -5.06 11.25 -0.07
N ASN D 13 -5.72 10.10 -0.18
CA ASN D 13 -6.94 9.85 0.56
C ASN D 13 -7.01 8.35 0.86
N VAL D 14 -7.85 7.97 1.83
CA VAL D 14 -7.93 6.57 2.22
C VAL D 14 -8.47 5.60 1.15
N ALA D 15 -9.31 6.09 0.24
CA ALA D 15 -9.81 5.20 -0.81
C ALA D 15 -8.60 4.80 -1.68
N LYS D 16 -7.77 5.79 -2.01
CA LYS D 16 -6.58 5.57 -2.82
C LYS D 16 -5.54 4.71 -2.07
N LEU D 17 -5.40 4.94 -0.77
CA LEU D 17 -4.44 4.16 0.01
C LEU D 17 -4.77 2.67 0.08
N ALA D 18 -6.06 2.35 0.13
CA ALA D 18 -6.51 0.96 0.24
C ALA D 18 -6.83 0.30 -1.10
N GLU D 19 -6.70 1.05 -2.17
CA GLU D 19 -6.99 0.59 -3.53
C GLU D 19 -6.14 -0.61 -3.97
N GLN D 20 -6.79 -1.65 -4.48
CA GLN D 20 -6.09 -2.85 -4.93
C GLN D 20 -6.39 -3.17 -6.38
N ALA D 21 -5.36 -3.60 -7.11
CA ALA D 21 -5.54 -4.02 -8.50
C ALA D 21 -6.13 -5.44 -8.41
N PRO D 22 -6.99 -5.80 -9.35
CA PRO D 22 -7.57 -7.15 -9.30
C PRO D 22 -6.59 -8.20 -9.86
N VAL D 23 -5.67 -8.64 -9.00
CA VAL D 23 -4.63 -9.61 -9.38
C VAL D 23 -4.74 -10.86 -8.51
N HIS D 24 -4.44 -12.01 -9.09
CA HIS D 24 -4.47 -13.28 -8.36
C HIS D 24 -3.09 -13.55 -7.78
N TRP D 25 -2.89 -13.12 -6.54
CA TRP D 25 -1.63 -13.32 -5.84
C TRP D 25 -1.54 -14.70 -5.22
N VAL D 26 -0.35 -15.30 -5.26
CA VAL D 26 -0.15 -16.61 -4.64
C VAL D 26 1.19 -16.63 -3.92
N SER D 27 1.35 -17.58 -2.99
CA SER D 27 2.60 -17.72 -2.25
C SER D 27 3.23 -19.05 -2.66
N VAL D 28 4.51 -19.23 -2.36
CA VAL D 28 5.19 -20.49 -2.70
C VAL D 28 4.49 -21.65 -1.98
N ALA D 29 4.08 -21.40 -0.74
CA ALA D 29 3.40 -22.43 0.05
C ALA D 29 2.11 -22.88 -0.62
N GLN D 30 1.36 -21.92 -1.18
CA GLN D 30 0.11 -22.26 -1.86
C GLN D 30 0.41 -23.03 -3.15
N ILE D 31 1.45 -22.65 -3.86
CA ILE D 31 1.80 -23.37 -5.07
C ILE D 31 2.12 -24.81 -4.69
N GLU D 32 3.02 -24.97 -3.72
CA GLU D 32 3.41 -26.29 -3.29
C GLU D 32 2.20 -27.13 -2.91
N ASN D 33 1.28 -26.54 -2.14
CA ASN D 33 0.09 -27.24 -1.71
C ASN D 33 -0.77 -27.69 -2.88
N SER D 34 -0.81 -26.90 -3.94
CA SER D 34 -1.60 -27.24 -5.11
C SER D 34 -0.96 -28.37 -5.92
N LEU D 35 0.26 -28.75 -5.55
CA LEU D 35 0.97 -29.82 -6.27
C LEU D 35 1.05 -31.10 -5.46
N THR D 36 0.43 -31.13 -4.28
CA THR D 36 0.46 -32.31 -3.45
C THR D 36 -0.15 -33.51 -4.18
N GLY D 37 0.57 -34.63 -4.14
CA GLY D 37 0.08 -35.82 -4.82
C GLY D 37 0.58 -35.96 -6.24
N ARG D 38 1.05 -34.86 -6.82
CA ARG D 38 1.55 -34.87 -8.18
C ARG D 38 2.92 -35.51 -8.22
N PRO D 39 3.12 -36.48 -9.13
CA PRO D 39 4.40 -37.17 -9.24
C PRO D 39 5.45 -36.21 -9.82
N PRO D 40 6.73 -36.59 -9.77
CA PRO D 40 7.78 -35.73 -10.32
C PRO D 40 7.43 -35.34 -11.76
N MET D 41 7.77 -34.11 -12.13
CA MET D 41 7.46 -33.62 -13.47
C MET D 41 8.51 -32.59 -13.88
N ALA D 42 8.45 -32.16 -15.13
CA ALA D 42 9.37 -31.16 -15.63
C ALA D 42 8.76 -29.76 -15.45
N VAL D 43 9.55 -28.83 -14.95
CA VAL D 43 9.12 -27.44 -14.75
C VAL D 43 10.19 -26.53 -15.34
N GLY D 44 9.77 -25.39 -15.87
CA GLY D 44 10.72 -24.46 -16.47
C GLY D 44 10.79 -23.08 -15.84
N PHE D 45 11.98 -22.47 -15.90
CA PHE D 45 12.21 -21.13 -15.37
C PHE D 45 12.86 -20.23 -16.39
N ASP D 46 12.37 -19.00 -16.49
CA ASP D 46 13.01 -18.01 -17.34
C ASP D 46 14.21 -17.64 -16.45
N ILE D 47 15.22 -16.99 -17.00
CA ILE D 47 16.37 -16.62 -16.18
C ILE D 47 16.40 -15.16 -15.73
N ASP D 48 16.57 -14.26 -16.68
CA ASP D 48 16.69 -12.83 -16.38
C ASP D 48 15.46 -12.18 -15.74
N ASP D 49 15.68 -11.63 -14.55
CA ASP D 49 14.67 -10.99 -13.71
C ASP D 49 13.67 -12.01 -13.15
N THR D 50 13.98 -13.29 -13.32
CA THR D 50 13.13 -14.34 -12.78
C THR D 50 13.91 -15.07 -11.67
N VAL D 51 15.09 -15.59 -12.00
CA VAL D 51 15.89 -16.25 -10.99
C VAL D 51 17.13 -15.41 -10.68
N LEU D 52 17.54 -14.59 -11.64
CA LEU D 52 18.71 -13.73 -11.46
C LEU D 52 18.48 -12.26 -11.79
N PHE D 53 18.98 -11.37 -10.94
CA PHE D 53 18.92 -9.94 -11.25
C PHE D 53 20.21 -9.78 -12.04
N SER D 54 20.12 -9.86 -13.36
CA SER D 54 21.28 -9.78 -14.23
C SER D 54 21.54 -8.43 -14.90
N SER D 55 20.76 -7.42 -14.52
CA SER D 55 20.92 -6.08 -15.07
C SER D 55 22.37 -5.56 -15.05
N PRO D 56 23.17 -5.91 -14.03
CA PRO D 56 24.55 -5.39 -14.04
C PRO D 56 25.28 -5.67 -15.35
N GLY D 57 25.19 -6.90 -15.83
CA GLY D 57 25.86 -7.26 -17.08
C GLY D 57 25.22 -6.63 -18.30
N PHE D 58 23.89 -6.52 -18.31
CA PHE D 58 23.19 -5.90 -19.43
C PHE D 58 23.49 -4.42 -19.48
N TRP D 59 23.65 -3.82 -18.31
CA TRP D 59 23.95 -2.40 -18.21
C TRP D 59 25.36 -2.15 -18.72
N ARG D 60 26.31 -2.99 -18.30
CA ARG D 60 27.68 -2.81 -18.78
C ARG D 60 27.75 -3.07 -20.26
N GLY D 61 26.99 -4.05 -20.73
CA GLY D 61 26.97 -4.37 -22.16
C GLY D 61 26.47 -3.21 -23.00
N LYS D 62 25.39 -2.58 -22.54
CA LYS D 62 24.82 -1.44 -23.26
C LYS D 62 25.83 -0.31 -23.33
N LYS D 63 26.43 0.06 -22.19
CA LYS D 63 27.43 1.13 -22.15
C LYS D 63 28.66 0.84 -23.02
N THR D 64 29.05 -0.43 -23.07
CA THR D 64 30.22 -0.82 -23.86
C THR D 64 29.97 -0.83 -25.36
N TYR D 65 28.89 -1.49 -25.78
CA TYR D 65 28.57 -1.68 -27.18
C TYR D 65 27.59 -0.76 -27.90
N SER D 66 26.66 -0.16 -27.17
CA SER D 66 25.69 0.73 -27.82
C SER D 66 25.08 1.65 -26.80
N PRO D 67 25.85 2.66 -26.34
CA PRO D 67 25.41 3.62 -25.34
C PRO D 67 24.05 4.28 -25.64
N ASP D 68 23.78 4.51 -26.92
CA ASP D 68 22.54 5.18 -27.33
C ASP D 68 21.38 4.28 -27.75
N SER D 69 21.60 2.97 -27.81
CA SER D 69 20.51 2.10 -28.24
C SER D 69 20.56 0.71 -27.65
N ASP D 70 19.77 -0.19 -28.21
CA ASP D 70 19.73 -1.57 -27.75
C ASP D 70 20.38 -2.50 -28.76
N ASP D 71 21.18 -1.94 -29.65
CA ASP D 71 21.86 -2.75 -30.66
C ASP D 71 22.78 -3.78 -30.01
N TYR D 72 23.24 -3.50 -28.79
CA TYR D 72 24.14 -4.45 -28.12
C TYR D 72 23.48 -5.81 -28.01
N LEU D 73 22.15 -5.84 -27.91
CA LEU D 73 21.42 -7.10 -27.77
C LEU D 73 21.52 -8.00 -29.01
N LYS D 74 22.01 -7.44 -30.12
CA LYS D 74 22.17 -8.21 -31.35
C LYS D 74 23.68 -8.40 -31.61
N ASN D 75 24.52 -7.90 -30.71
CA ASN D 75 25.97 -7.99 -30.88
C ASN D 75 26.55 -9.28 -30.31
N PRO D 76 27.17 -10.10 -31.17
CA PRO D 76 27.79 -11.38 -30.78
C PRO D 76 28.84 -11.21 -29.69
N ALA D 77 29.56 -10.10 -29.72
CA ALA D 77 30.60 -9.83 -28.74
C ALA D 77 30.00 -9.65 -27.35
N PHE D 78 28.83 -9.03 -27.28
CA PHE D 78 28.16 -8.85 -25.99
C PHE D 78 27.78 -10.21 -25.40
N TRP D 79 27.09 -11.04 -26.18
CA TRP D 79 26.69 -12.35 -25.67
C TRP D 79 27.86 -13.20 -25.17
N GLU D 80 29.01 -13.12 -25.83
CA GLU D 80 30.17 -13.89 -25.39
C GLU D 80 30.54 -13.51 -23.95
N LYS D 81 30.59 -12.21 -23.67
CA LYS D 81 30.92 -11.73 -22.34
C LYS D 81 29.82 -12.07 -21.32
N MET D 82 28.58 -11.83 -21.71
CA MET D 82 27.43 -12.07 -20.83
C MET D 82 27.28 -13.52 -20.37
N ASN D 83 27.43 -14.45 -21.31
CA ASN D 83 27.26 -15.87 -21.02
C ASN D 83 28.47 -16.61 -20.47
N ASN D 84 29.62 -15.94 -20.39
CA ASN D 84 30.83 -16.58 -19.90
C ASN D 84 31.54 -15.86 -18.76
N GLY D 85 30.79 -15.27 -17.84
CA GLY D 85 31.44 -14.61 -16.74
C GLY D 85 30.77 -13.41 -16.09
N TRP D 86 30.04 -12.61 -16.87
CA TRP D 86 29.40 -11.44 -16.27
C TRP D 86 28.31 -11.79 -15.24
N ASP D 87 27.80 -13.02 -15.28
CA ASP D 87 26.80 -13.40 -14.28
C ASP D 87 27.44 -13.55 -12.91
N GLU D 88 28.76 -13.37 -12.83
CA GLU D 88 29.43 -13.43 -11.53
C GLU D 88 28.90 -12.21 -10.76
N PHE D 89 28.37 -11.23 -11.49
CA PHE D 89 27.83 -9.99 -10.92
C PHE D 89 26.30 -10.02 -10.78
N SER D 90 25.67 -11.10 -11.23
CA SER D 90 24.22 -11.24 -11.16
C SER D 90 23.79 -11.72 -9.78
N ILE D 91 22.81 -11.03 -9.20
CA ILE D 91 22.33 -11.36 -7.86
C ILE D 91 21.13 -12.31 -7.87
N PRO D 92 21.26 -13.48 -7.23
CA PRO D 92 20.18 -14.48 -7.17
C PRO D 92 18.97 -13.89 -6.43
N LYS D 93 17.77 -14.25 -6.87
CA LYS D 93 16.56 -13.76 -6.26
C LYS D 93 16.11 -14.76 -5.19
N GLU D 94 15.71 -14.25 -4.02
CA GLU D 94 15.29 -15.11 -2.93
C GLU D 94 14.01 -15.86 -3.27
N ALA D 95 13.11 -15.23 -4.02
CA ALA D 95 11.87 -15.89 -4.39
C ALA D 95 12.18 -17.14 -5.22
N ALA D 96 13.20 -17.04 -6.07
CA ALA D 96 13.61 -18.17 -6.92
C ALA D 96 14.20 -19.30 -6.07
N ARG D 97 14.98 -18.94 -5.05
CA ARG D 97 15.58 -19.93 -4.16
C ARG D 97 14.49 -20.81 -3.59
N GLN D 98 13.44 -20.18 -3.07
CA GLN D 98 12.32 -20.89 -2.46
C GLN D 98 11.57 -21.79 -3.42
N LEU D 99 11.40 -21.36 -4.66
CA LEU D 99 10.71 -22.15 -5.67
C LEU D 99 11.58 -23.34 -6.09
N ILE D 100 12.84 -23.08 -6.35
CA ILE D 100 13.77 -24.13 -6.76
C ILE D 100 13.91 -25.20 -5.67
N ASP D 101 14.04 -24.78 -4.42
CA ASP D 101 14.16 -25.72 -3.31
C ASP D 101 12.93 -26.63 -3.27
N MET D 102 11.76 -26.01 -3.36
CA MET D 102 10.49 -26.71 -3.33
C MET D 102 10.41 -27.75 -4.44
N HIS D 103 10.81 -27.37 -5.65
CA HIS D 103 10.77 -28.31 -6.75
C HIS D 103 11.80 -29.42 -6.62
N VAL D 104 12.93 -29.12 -5.98
CA VAL D 104 13.97 -30.13 -5.77
C VAL D 104 13.41 -31.16 -4.79
N ARG D 105 12.72 -30.69 -3.74
CA ARG D 105 12.14 -31.58 -2.74
C ARG D 105 11.13 -32.52 -3.39
N ARG D 106 10.37 -32.01 -4.35
CA ARG D 106 9.37 -32.80 -5.05
C ARG D 106 10.04 -33.81 -5.98
N GLY D 107 11.31 -33.56 -6.30
CA GLY D 107 12.02 -34.46 -7.20
C GLY D 107 11.76 -34.08 -8.65
N ASP D 108 11.30 -32.86 -8.88
CA ASP D 108 11.00 -32.40 -10.23
C ASP D 108 12.28 -32.14 -11.04
N SER D 109 12.15 -32.24 -12.35
CA SER D 109 13.27 -31.99 -13.25
C SER D 109 13.20 -30.49 -13.60
N ILE D 110 14.29 -29.78 -13.37
CA ILE D 110 14.32 -28.35 -13.61
C ILE D 110 15.02 -27.88 -14.89
N TYR D 111 14.33 -27.03 -15.64
CA TYR D 111 14.86 -26.47 -16.88
C TYR D 111 14.89 -24.95 -16.82
N PHE D 112 15.85 -24.36 -17.51
CA PHE D 112 15.97 -22.91 -17.60
C PHE D 112 15.91 -22.62 -19.09
N VAL D 113 14.93 -21.80 -19.48
CA VAL D 113 14.75 -21.44 -20.89
C VAL D 113 14.87 -19.94 -20.97
N THR D 114 15.93 -19.47 -21.62
CA THR D 114 16.21 -18.06 -21.72
C THR D 114 16.17 -17.48 -23.13
N GLY D 115 15.90 -16.18 -23.21
CA GLY D 115 15.85 -15.51 -24.50
C GLY D 115 17.23 -15.02 -24.92
N ARG D 116 18.24 -15.22 -24.08
CA ARG D 116 19.61 -14.80 -24.41
C ARG D 116 20.04 -15.56 -25.65
N SER D 117 20.96 -14.99 -26.42
CA SER D 117 21.46 -15.67 -27.62
C SER D 117 22.45 -16.77 -27.25
N GLN D 118 22.43 -17.85 -28.00
CA GLN D 118 23.33 -18.96 -27.73
C GLN D 118 24.75 -18.61 -28.17
N THR D 119 25.72 -19.00 -27.37
CA THR D 119 27.12 -18.75 -27.69
C THR D 119 27.84 -20.10 -27.71
N LYS D 120 29.06 -20.13 -28.24
CA LYS D 120 29.80 -21.39 -28.33
C LYS D 120 29.95 -22.07 -26.98
N THR D 121 30.31 -21.30 -25.96
CA THR D 121 30.44 -21.83 -24.61
C THR D 121 29.61 -20.96 -23.69
N GLU D 122 29.31 -21.46 -22.49
CA GLU D 122 28.52 -20.70 -21.53
C GLU D 122 28.79 -21.23 -20.13
N THR D 123 28.84 -20.33 -19.16
CA THR D 123 29.07 -20.73 -17.78
C THR D 123 27.84 -20.42 -16.93
N VAL D 124 26.74 -20.07 -17.58
CA VAL D 124 25.49 -19.76 -16.87
C VAL D 124 24.92 -20.97 -16.14
N SER D 125 24.91 -22.13 -16.79
CA SER D 125 24.38 -23.34 -16.18
C SER D 125 25.07 -23.65 -14.85
N LYS D 126 26.38 -23.48 -14.81
CA LYS D 126 27.13 -23.76 -13.59
C LYS D 126 26.83 -22.72 -12.53
N THR D 127 26.77 -21.46 -12.94
CA THR D 127 26.44 -20.38 -12.00
C THR D 127 25.09 -20.68 -11.34
N LEU D 128 24.12 -21.14 -12.11
CA LEU D 128 22.80 -21.46 -11.56
C LEU D 128 22.83 -22.65 -10.61
N ALA D 129 23.49 -23.73 -11.04
CA ALA D 129 23.57 -24.91 -10.20
C ALA D 129 24.26 -24.59 -8.87
N ASP D 130 25.36 -23.83 -8.92
CA ASP D 130 26.09 -23.47 -7.72
C ASP D 130 25.32 -22.54 -6.77
N ASN D 131 24.77 -21.45 -7.31
CA ASN D 131 24.03 -20.49 -6.51
C ASN D 131 22.78 -21.03 -5.86
N PHE D 132 22.10 -21.95 -6.54
CA PHE D 132 20.86 -22.53 -6.02
C PHE D 132 20.99 -23.96 -5.52
N HIS D 133 22.22 -24.44 -5.45
CA HIS D 133 22.51 -25.79 -4.97
C HIS D 133 21.55 -26.81 -5.59
N ILE D 134 21.51 -26.87 -6.91
CA ILE D 134 20.63 -27.82 -7.57
C ILE D 134 21.37 -29.13 -7.79
N PRO D 135 20.85 -30.23 -7.25
CA PRO D 135 21.49 -31.56 -7.41
C PRO D 135 21.56 -31.95 -8.88
N ALA D 136 22.57 -32.72 -9.26
CA ALA D 136 22.75 -33.14 -10.63
C ALA D 136 21.53 -33.86 -11.19
N ALA D 137 20.83 -34.56 -10.32
CA ALA D 137 19.64 -35.31 -10.72
C ALA D 137 18.49 -34.41 -11.18
N ASN D 138 18.47 -33.17 -10.73
CA ASN D 138 17.39 -32.26 -11.10
C ASN D 138 17.80 -31.20 -12.12
N MET D 139 19.11 -30.98 -12.24
CA MET D 139 19.64 -29.98 -13.16
C MET D 139 19.62 -30.37 -14.62
N ASN D 140 19.53 -29.37 -15.49
CA ASN D 140 19.53 -29.56 -16.93
C ASN D 140 20.24 -28.35 -17.49
N PRO D 141 21.11 -28.56 -18.48
CA PRO D 141 21.82 -27.43 -19.07
C PRO D 141 20.84 -26.37 -19.60
N VAL D 142 21.22 -25.10 -19.44
CA VAL D 142 20.38 -24.00 -19.88
C VAL D 142 20.06 -24.07 -21.38
N ILE D 143 18.80 -23.81 -21.72
CA ILE D 143 18.36 -23.81 -23.11
C ILE D 143 18.34 -22.36 -23.60
N PHE D 144 19.22 -22.01 -24.53
CA PHE D 144 19.26 -20.65 -25.06
C PHE D 144 18.33 -20.61 -26.27
N ALA D 145 17.10 -20.14 -26.06
CA ALA D 145 16.11 -20.08 -27.13
C ALA D 145 16.28 -18.92 -28.10
N GLY D 146 17.01 -17.89 -27.68
CA GLY D 146 17.20 -16.76 -28.56
C GLY D 146 15.95 -15.90 -28.56
N ASP D 147 15.90 -14.91 -29.44
CA ASP D 147 14.76 -14.01 -29.51
C ASP D 147 14.56 -13.52 -30.94
N LYS D 148 13.49 -14.00 -31.57
CA LYS D 148 13.16 -13.61 -32.94
C LYS D 148 11.90 -12.75 -32.95
N PRO D 149 11.84 -11.76 -33.85
CA PRO D 149 10.65 -10.90 -33.90
C PRO D 149 9.46 -11.65 -34.49
N GLU D 150 8.26 -11.24 -34.10
CA GLU D 150 7.03 -11.85 -34.62
C GLU D 150 6.92 -13.35 -34.32
N GLN D 151 7.63 -13.81 -33.30
CA GLN D 151 7.59 -15.23 -32.95
C GLN D 151 8.08 -15.47 -31.52
N ASN D 152 7.48 -16.44 -30.83
CA ASN D 152 7.88 -16.75 -29.46
C ASN D 152 8.74 -18.01 -29.42
N THR D 153 10.06 -17.82 -29.32
CA THR D 153 11.03 -18.92 -29.32
C THR D 153 10.93 -19.96 -28.20
N LYS D 154 10.30 -19.61 -27.08
CA LYS D 154 10.21 -20.54 -25.97
C LYS D 154 9.18 -21.66 -26.07
N VAL D 155 8.14 -21.45 -26.87
CA VAL D 155 7.08 -22.43 -26.99
C VAL D 155 7.57 -23.83 -27.38
N GLN D 156 8.44 -23.90 -28.38
CA GLN D 156 8.96 -25.18 -28.84
C GLN D 156 9.56 -26.01 -27.70
N TRP D 157 10.36 -25.37 -26.87
CA TRP D 157 11.03 -26.04 -25.75
C TRP D 157 10.13 -26.52 -24.61
N LEU D 158 9.11 -25.72 -24.26
CA LEU D 158 8.19 -26.11 -23.20
C LEU D 158 7.45 -27.37 -23.66
N GLN D 159 7.12 -27.42 -24.94
CA GLN D 159 6.41 -28.55 -25.52
C GLN D 159 7.26 -29.83 -25.53
N GLU D 160 8.43 -29.75 -26.14
CA GLU D 160 9.31 -30.93 -26.23
C GLU D 160 9.78 -31.51 -24.91
N LYS D 161 10.00 -30.68 -23.89
CA LYS D 161 10.43 -31.19 -22.59
C LYS D 161 9.23 -31.48 -21.70
N ASN D 162 8.03 -31.32 -22.27
CA ASN D 162 6.78 -31.53 -21.54
C ASN D 162 6.74 -30.83 -20.17
N MET D 163 7.10 -29.55 -20.18
CA MET D 163 7.08 -28.76 -18.95
C MET D 163 5.62 -28.50 -18.56
N ARG D 164 5.30 -28.71 -17.29
CA ARG D 164 3.94 -28.53 -16.79
C ARG D 164 3.71 -27.16 -16.16
N ILE D 165 4.78 -26.47 -15.81
CA ILE D 165 4.71 -25.14 -15.21
C ILE D 165 5.90 -24.36 -15.74
N PHE D 166 5.70 -23.06 -15.95
CA PHE D 166 6.76 -22.17 -16.41
C PHE D 166 6.65 -20.86 -15.63
N TYR D 167 7.75 -20.48 -14.99
CA TYR D 167 7.84 -19.25 -14.21
C TYR D 167 8.56 -18.19 -15.03
N GLY D 168 8.02 -16.98 -15.05
CA GLY D 168 8.66 -15.91 -15.81
C GLY D 168 8.21 -14.50 -15.40
N ASP D 169 8.99 -13.48 -15.77
CA ASP D 169 8.65 -12.11 -15.42
C ASP D 169 8.08 -11.31 -16.60
N SER D 170 8.34 -11.76 -17.83
CA SER D 170 7.87 -11.06 -19.01
C SER D 170 6.55 -11.63 -19.57
N ASP D 171 5.84 -10.81 -20.33
CA ASP D 171 4.58 -11.26 -20.92
C ASP D 171 4.80 -12.44 -21.84
N ASN D 172 5.90 -12.43 -22.61
CA ASN D 172 6.16 -13.53 -23.53
C ASN D 172 6.40 -14.85 -22.81
N ASP D 173 6.78 -14.79 -21.54
CA ASP D 173 6.97 -16.02 -20.76
C ASP D 173 5.59 -16.59 -20.45
N ILE D 174 4.66 -15.69 -20.09
CA ILE D 174 3.32 -16.13 -19.74
C ILE D 174 2.53 -16.57 -20.97
N THR D 175 2.66 -15.85 -22.08
CA THR D 175 1.91 -16.24 -23.27
C THR D 175 2.44 -17.56 -23.82
N ALA D 176 3.74 -17.83 -23.62
CA ALA D 176 4.31 -19.09 -24.08
C ALA D 176 3.62 -20.22 -23.34
N ALA D 177 3.48 -20.08 -22.02
CA ALA D 177 2.82 -21.10 -21.21
C ALA D 177 1.35 -21.26 -21.63
N ARG D 178 0.67 -20.14 -21.88
CA ARG D 178 -0.72 -20.18 -22.31
C ARG D 178 -0.85 -20.85 -23.68
N ASP D 179 0.11 -20.62 -24.56
CA ASP D 179 0.07 -21.24 -25.88
C ASP D 179 0.18 -22.76 -25.77
N CYS D 180 0.92 -23.24 -24.78
CA CYS D 180 1.10 -24.68 -24.59
C CYS D 180 0.03 -25.32 -23.71
N GLY D 181 -0.84 -24.49 -23.13
CA GLY D 181 -1.87 -25.03 -22.29
C GLY D 181 -1.36 -25.47 -20.93
N ILE D 182 -0.26 -24.86 -20.48
CA ILE D 182 0.28 -25.22 -19.17
C ILE D 182 0.19 -24.04 -18.21
N ARG D 183 0.54 -24.26 -16.96
CA ARG D 183 0.46 -23.24 -15.93
C ARG D 183 1.60 -22.22 -15.96
N GLY D 184 1.30 -20.99 -16.37
CA GLY D 184 2.29 -19.94 -16.40
C GLY D 184 2.14 -19.10 -15.15
N ILE D 185 3.23 -18.93 -14.40
CA ILE D 185 3.21 -18.16 -13.17
C ILE D 185 4.19 -16.98 -13.22
N ARG D 186 3.71 -15.79 -12.89
CA ARG D 186 4.50 -14.57 -12.95
C ARG D 186 5.36 -14.22 -11.74
N ILE D 187 6.57 -13.75 -12.04
CA ILE D 187 7.54 -13.31 -11.03
C ILE D 187 7.67 -11.81 -11.27
N LEU D 188 7.64 -11.00 -10.21
CA LEU D 188 7.74 -9.55 -10.38
C LEU D 188 9.16 -9.12 -10.76
N ARG D 189 9.29 -8.24 -11.75
CA ARG D 189 10.59 -7.71 -12.17
C ARG D 189 10.95 -6.57 -11.22
N ALA D 190 12.18 -6.58 -10.70
CA ALA D 190 12.63 -5.52 -9.78
C ALA D 190 12.52 -4.14 -10.38
N ALA D 191 12.21 -3.16 -9.52
CA ALA D 191 12.08 -1.78 -9.93
C ALA D 191 13.40 -1.19 -10.44
N ASN D 192 14.53 -1.73 -9.97
CA ASN D 192 15.81 -1.18 -10.43
C ASN D 192 16.41 -1.94 -11.62
N SER D 193 15.62 -2.84 -12.21
CA SER D 193 16.08 -3.54 -13.40
C SER D 193 16.24 -2.50 -14.51
N THR D 194 17.21 -2.71 -15.40
CA THR D 194 17.41 -1.79 -16.49
C THR D 194 16.50 -2.13 -17.66
N TYR D 195 15.78 -3.23 -17.55
CA TYR D 195 14.86 -3.64 -18.61
C TYR D 195 13.49 -2.98 -18.30
N LYS D 196 13.26 -1.82 -18.90
CA LYS D 196 12.02 -1.07 -18.70
C LYS D 196 11.29 -0.89 -20.03
N PRO D 197 9.97 -0.61 -19.98
CA PRO D 197 9.19 -0.47 -18.75
C PRO D 197 8.89 -1.80 -18.07
N LEU D 198 8.53 -1.74 -16.79
CA LEU D 198 8.19 -2.94 -16.04
C LEU D 198 6.91 -3.54 -16.63
N PRO D 199 6.81 -4.87 -16.71
CA PRO D 199 5.57 -5.39 -17.27
C PRO D 199 4.43 -5.35 -16.24
N GLN D 200 3.21 -5.48 -16.74
CA GLN D 200 2.03 -5.50 -15.87
C GLN D 200 1.73 -6.94 -15.46
N ALA D 201 2.28 -7.34 -14.32
CA ALA D 201 2.08 -8.69 -13.80
C ALA D 201 0.58 -8.90 -13.58
N GLY D 202 0.06 -10.00 -14.10
CA GLY D 202 -1.35 -10.31 -13.93
C GLY D 202 -2.18 -9.85 -15.12
N ALA D 203 -1.52 -9.34 -16.16
CA ALA D 203 -2.19 -8.85 -17.36
C ALA D 203 -2.92 -9.93 -18.19
N PHE D 204 -2.69 -11.20 -17.86
CA PHE D 204 -3.35 -12.29 -18.58
C PHE D 204 -4.20 -13.09 -17.60
N GLY D 205 -4.39 -12.51 -16.42
CA GLY D 205 -5.18 -13.16 -15.38
C GLY D 205 -4.41 -14.29 -14.70
N GLU D 206 -3.11 -14.34 -14.93
CA GLU D 206 -2.29 -15.40 -14.35
C GLU D 206 -1.99 -15.20 -12.87
N GLU D 207 -1.49 -16.24 -12.21
CA GLU D 207 -1.10 -16.17 -10.80
C GLU D 207 0.22 -15.39 -10.74
N VAL D 208 0.37 -14.56 -9.72
CA VAL D 208 1.58 -13.75 -9.52
C VAL D 208 2.10 -14.04 -8.12
N ILE D 209 3.38 -14.37 -8.01
CA ILE D 209 3.94 -14.67 -6.70
C ILE D 209 4.25 -13.43 -5.88
N VAL D 210 3.67 -13.37 -4.69
CA VAL D 210 3.88 -12.23 -3.81
C VAL D 210 5.36 -12.04 -3.46
N ASN D 211 5.74 -10.78 -3.28
CA ASN D 211 7.09 -10.39 -2.87
C ASN D 211 8.22 -11.05 -3.65
N SER D 212 8.00 -11.28 -4.93
CA SER D 212 8.98 -11.94 -5.77
C SER D 212 9.93 -10.99 -6.50
N GLU D 213 9.97 -9.72 -6.09
CA GLU D 213 10.84 -8.75 -6.74
C GLU D 213 12.31 -8.88 -6.30
N TYR D 214 12.54 -9.64 -5.23
CA TYR D 214 13.90 -9.84 -4.73
C TYR D 214 14.19 -11.28 -4.34
MG MG E . -15.33 17.80 8.99
MG MG F . -22.30 -9.34 7.23
MG MG G . 24.93 3.81 1.65
MG MG H . 13.07 -12.52 -17.90
P PO4 I . 15.43 -13.80 -20.43
O1 PO4 I . 16.51 -12.96 -21.02
O2 PO4 I . 16.04 -14.92 -19.64
O3 PO4 I . 14.56 -12.95 -19.54
O4 PO4 I . 14.59 -14.37 -21.53
#